data_6SAQ
#
_entry.id   6SAQ
#
_cell.length_a   95.976
_cell.length_b   63.794
_cell.length_c   121.398
_cell.angle_alpha   90
_cell.angle_beta   105.65
_cell.angle_gamma   90
#
_symmetry.space_group_name_H-M   'P 1 21 1'
#
loop_
_entity.id
_entity.type
_entity.pdbx_description
1 polymer 'NADH-quinone oxidoreductase subunit E'
2 polymer 'NADH-quinone oxidoreductase subunit F'
3 non-polymer 'FE2/S2 (INORGANIC) CLUSTER'
4 non-polymer GLYCEROL
5 non-polymer 'FLAVIN MONONUCLEOTIDE'
6 non-polymer 'IRON/SULFUR CLUSTER'
7 non-polymer '[[(2~{R},3~{S},4~{R},5~{R})-5-(6-aminopurin-9-yl)-3,4-bis(oxidanyl)oxolan-2-yl]methoxy-oxidanyl-phosphoryl] [(2~{R},3~{S},4~{R},5~{R})-5-[[(1~{E},3~{Z})-5-azanyl-4-oxidanyl-5-oxidanylidene-penta-1,3-dienyl]-methanoyl-amino]-3,4-bis(oxidanyl)oxolan-2-yl]methyl hydrogen phosphate'
8 water water
#
loop_
_entity_poly.entity_id
_entity_poly.type
_entity_poly.pdbx_seq_one_letter_code
_entity_poly.pdbx_strand_id
1 'polypeptide(L)'
;MFKTEFEFPEELKTKLQEHINYFPKKRQAILLCLHEIQNYYGYIPPESLKPLADMLELPLNHVEGVVAFYDMFDREDKAK
YRIRVCVSIVCHLMGTNKLLKALENILGIKPGEVTPDGKFKIVPVQCLGACSEAPVFMVNDDEYKFESEVQLNEILSRYT
;
A,C
2 'polypeptide(L)'
;MRSYPAIPRIYAETTLNMLLKRAKKPRVHSIDEYLKDGGYQALEKALNMSPEEIIDWVDKSTLRGRGGAGFPTGKKWKFA
VQNPGPRYFICNADESEPGTFKDRIIIERDPHLLIEGIIISSYAIGANEAYIYIRGEYPAGYYILRDAIEEAKKKGFLGK
NILGSGFDLEIYVARGAGAYICGEETALIESLEGKRGHPRLKPPYPVQKGLWGKPTVVNNVETIANVPFIISMGWEEYRY
IGPSDYAGPKLFPVSGKVKKPGVYELPMNTTLREVIFKYAGGTLGNKKVKAVFSGALDCFSSEELDIPMDYSPLGFGGTG
TVIVLTEEDDIVEAALKIAEFYEHETCGQCTPCRVGCYEQANLLEKIYKGEATEQDWEGFDFVNRNIQPTSICGLGAVAG
RLIRQTLEKFPEEWEKYRKKSASLPLAGHHHHHH
;
B,D
#
# COMPACT_ATOMS: atom_id res chain seq x y z
N PHE A 6 -9.37 53.50 -25.94
CA PHE A 6 -9.00 52.19 -26.49
C PHE A 6 -10.20 51.24 -26.51
N GLU A 7 -10.40 50.60 -27.66
CA GLU A 7 -11.45 49.61 -27.92
C GLU A 7 -10.81 48.44 -28.66
N PHE A 8 -11.09 47.20 -28.21
CA PHE A 8 -10.57 46.00 -28.87
C PHE A 8 -11.29 45.82 -30.22
N PRO A 9 -10.58 45.44 -31.31
CA PRO A 9 -11.28 45.18 -32.58
C PRO A 9 -12.18 43.96 -32.38
N GLU A 10 -13.32 43.91 -33.07
CA GLU A 10 -14.32 42.83 -32.95
C GLU A 10 -13.72 41.42 -32.95
N GLU A 11 -12.79 41.13 -33.91
CA GLU A 11 -12.12 39.84 -34.04
C GLU A 11 -11.38 39.40 -32.77
N LEU A 12 -10.72 40.36 -32.09
CA LEU A 12 -10.00 40.10 -30.84
C LEU A 12 -10.99 39.99 -29.66
N LYS A 13 -11.95 40.95 -29.57
CA LYS A 13 -12.97 41.02 -28.52
C LYS A 13 -13.79 39.71 -28.38
N THR A 14 -14.14 39.07 -29.51
CA THR A 14 -14.90 37.80 -29.54
C THR A 14 -14.05 36.65 -28.97
N LYS A 15 -12.74 36.62 -29.31
CA LYS A 15 -11.80 35.62 -28.78
C LYS A 15 -11.62 35.78 -27.26
N LEU A 16 -11.52 37.04 -26.78
CA LEU A 16 -11.42 37.33 -25.35
C LEU A 16 -12.70 36.87 -24.64
N GLN A 17 -13.88 37.11 -25.25
CA GLN A 17 -15.17 36.70 -24.70
C GLN A 17 -15.26 35.18 -24.59
N GLU A 18 -14.71 34.46 -25.59
CA GLU A 18 -14.65 32.98 -25.56
C GLU A 18 -13.86 32.48 -24.34
N HIS A 19 -12.70 33.09 -24.05
CA HIS A 19 -11.88 32.72 -22.88
C HIS A 19 -12.63 33.02 -21.58
N ILE A 20 -13.28 34.19 -21.51
CA ILE A 20 -14.06 34.65 -20.36
C ILE A 20 -15.24 33.70 -20.08
N ASN A 21 -15.89 33.17 -21.14
CA ASN A 21 -17.03 32.23 -20.97
C ASN A 21 -16.62 30.77 -20.73
N TYR A 22 -15.35 30.44 -20.98
CA TYR A 22 -14.80 29.09 -20.83
C TYR A 22 -14.73 28.59 -19.37
N PHE A 23 -14.13 29.36 -18.45
CA PHE A 23 -14.01 28.95 -17.05
C PHE A 23 -15.30 29.23 -16.24
N PRO A 24 -15.56 28.54 -15.11
CA PRO A 24 -16.75 28.86 -14.28
C PRO A 24 -16.79 30.32 -13.79
N LYS A 25 -15.63 30.98 -13.56
CA LYS A 25 -15.62 32.39 -13.13
C LYS A 25 -14.81 33.23 -14.14
N LYS A 26 -15.31 34.44 -14.47
CA LYS A 26 -14.68 35.36 -15.45
C LYS A 26 -13.20 35.66 -15.21
N ARG A 27 -12.83 35.99 -13.95
CA ARG A 27 -11.45 36.36 -13.57
C ARG A 27 -10.41 35.26 -13.82
N GLN A 28 -10.83 33.98 -13.92
CA GLN A 28 -9.88 32.88 -14.18
C GLN A 28 -9.29 32.94 -15.58
N ALA A 29 -9.96 33.65 -16.51
CA ALA A 29 -9.52 33.80 -17.91
C ALA A 29 -8.43 34.87 -18.13
N ILE A 30 -8.00 35.58 -17.06
CA ILE A 30 -7.03 36.70 -17.15
C ILE A 30 -5.75 36.36 -17.95
N LEU A 31 -5.10 35.20 -17.68
CA LEU A 31 -3.85 34.82 -18.39
C LEU A 31 -4.12 34.46 -19.84
N LEU A 32 -5.20 33.73 -20.12
CA LEU A 32 -5.57 33.39 -21.50
C LEU A 32 -5.85 34.66 -22.32
N CYS A 33 -6.53 35.65 -21.70
CA CYS A 33 -6.84 36.95 -22.35
C CYS A 33 -5.59 37.75 -22.64
N LEU A 34 -4.63 37.81 -21.68
CA LEU A 34 -3.36 38.54 -21.89
C LEU A 34 -2.50 37.87 -22.95
N HIS A 35 -2.48 36.51 -22.97
CA HIS A 35 -1.79 35.75 -24.03
C HIS A 35 -2.37 36.14 -25.39
N GLU A 36 -3.72 36.22 -25.50
CA GLU A 36 -4.45 36.60 -26.72
C GLU A 36 -4.13 38.05 -27.17
N ILE A 37 -4.10 39.00 -26.20
CA ILE A 37 -3.80 40.41 -26.46
C ILE A 37 -2.37 40.52 -27.05
N GLN A 38 -1.40 39.83 -26.43
CA GLN A 38 0.00 39.84 -26.89
C GLN A 38 0.15 39.24 -28.28
N ASN A 39 -0.54 38.12 -28.54
CA ASN A 39 -0.52 37.47 -29.84
C ASN A 39 -1.01 38.42 -30.95
N TYR A 40 -2.08 39.16 -30.66
CA TYR A 40 -2.71 40.09 -31.58
C TYR A 40 -1.87 41.35 -31.87
N TYR A 41 -1.34 42.02 -30.83
CA TYR A 41 -0.58 43.27 -31.00
C TYR A 41 0.94 43.13 -31.10
N GLY A 42 1.50 42.01 -30.67
CA GLY A 42 2.94 41.81 -30.64
C GLY A 42 3.55 42.27 -29.32
N TYR A 43 2.67 42.64 -28.33
CA TYR A 43 2.98 43.13 -26.97
C TYR A 43 1.66 43.43 -26.27
N ILE A 44 1.73 43.85 -25.00
CA ILE A 44 0.54 44.22 -24.22
C ILE A 44 0.47 45.76 -24.26
N PRO A 45 -0.44 46.38 -25.03
CA PRO A 45 -0.51 47.84 -25.01
C PRO A 45 -1.03 48.28 -23.63
N PRO A 46 -0.31 49.19 -22.92
CA PRO A 46 -0.81 49.64 -21.60
C PRO A 46 -2.26 50.14 -21.61
N GLU A 47 -2.74 50.71 -22.74
CA GLU A 47 -4.12 51.18 -22.91
C GLU A 47 -5.14 50.04 -22.99
N SER A 48 -4.69 48.79 -23.24
CA SER A 48 -5.62 47.65 -23.35
C SER A 48 -6.05 47.11 -21.98
N LEU A 49 -5.33 47.48 -20.90
CA LEU A 49 -5.56 46.94 -19.56
C LEU A 49 -6.90 47.36 -18.96
N LYS A 50 -7.30 48.65 -19.11
CA LYS A 50 -8.59 49.14 -18.61
C LYS A 50 -9.78 48.41 -19.29
N PRO A 51 -9.92 48.35 -20.65
CA PRO A 51 -11.05 47.59 -21.23
C PRO A 51 -11.03 46.09 -20.88
N LEU A 52 -9.85 45.48 -20.69
CA LEU A 52 -9.77 44.08 -20.30
C LEU A 52 -10.27 43.88 -18.86
N ALA A 53 -9.82 44.75 -17.93
CA ALA A 53 -10.24 44.77 -16.53
C ALA A 53 -11.77 44.88 -16.42
N ASP A 54 -12.38 45.70 -17.31
CA ASP A 54 -13.84 45.88 -17.38
C ASP A 54 -14.53 44.57 -17.79
N MET A 55 -13.96 43.84 -18.78
CA MET A 55 -14.49 42.57 -19.28
C MET A 55 -14.37 41.43 -18.25
N LEU A 56 -13.31 41.47 -17.43
CA LEU A 56 -13.06 40.45 -16.39
C LEU A 56 -13.76 40.80 -15.07
N GLU A 57 -14.28 42.06 -14.97
CA GLU A 57 -14.95 42.65 -13.79
C GLU A 57 -13.96 42.70 -12.60
N LEU A 58 -12.75 43.20 -12.89
CA LEU A 58 -11.65 43.33 -11.94
C LEU A 58 -11.16 44.77 -11.88
N PRO A 59 -10.57 45.22 -10.74
CA PRO A 59 -9.98 46.57 -10.70
C PRO A 59 -8.76 46.62 -11.61
N LEU A 60 -8.47 47.79 -12.19
CA LEU A 60 -7.33 48.00 -13.10
C LEU A 60 -6.00 47.62 -12.44
N ASN A 61 -5.80 47.97 -11.15
CA ASN A 61 -4.54 47.68 -10.45
C ASN A 61 -4.28 46.18 -10.27
N HIS A 62 -5.36 45.36 -10.18
CA HIS A 62 -5.28 43.89 -10.12
C HIS A 62 -4.67 43.39 -11.46
N VAL A 63 -5.21 43.87 -12.59
CA VAL A 63 -4.73 43.51 -13.95
C VAL A 63 -3.28 43.97 -14.16
N GLU A 64 -2.94 45.20 -13.72
CA GLU A 64 -1.58 45.76 -13.80
C GLU A 64 -0.57 44.90 -13.01
N GLY A 65 -0.95 44.47 -11.81
CA GLY A 65 -0.14 43.62 -10.95
C GLY A 65 0.12 42.26 -11.58
N VAL A 66 -0.90 41.72 -12.29
CA VAL A 66 -0.82 40.43 -12.97
C VAL A 66 0.15 40.53 -14.16
N VAL A 67 0.02 41.57 -15.00
CA VAL A 67 0.92 41.77 -16.15
C VAL A 67 2.40 41.89 -15.66
N ALA A 68 2.64 42.67 -14.59
CA ALA A 68 3.98 42.87 -14.02
C ALA A 68 4.58 41.57 -13.48
N PHE A 69 3.75 40.69 -12.91
CA PHE A 69 4.22 39.44 -12.32
C PHE A 69 4.66 38.39 -13.34
N TYR A 70 3.88 38.18 -14.40
CA TYR A 70 4.13 37.10 -15.35
C TYR A 70 5.08 37.50 -16.44
N ASP A 71 6.24 36.84 -16.47
CA ASP A 71 7.40 37.09 -17.32
C ASP A 71 7.16 37.02 -18.83
N MET A 72 6.19 36.24 -19.30
CA MET A 72 5.93 36.14 -20.74
C MET A 72 5.36 37.43 -21.32
N PHE A 73 4.63 38.21 -20.50
CA PHE A 73 3.98 39.45 -20.92
C PHE A 73 4.94 40.64 -21.02
N ASP A 74 4.90 41.32 -22.17
CA ASP A 74 5.77 42.45 -22.48
C ASP A 74 4.92 43.69 -22.79
N ARG A 75 5.03 44.74 -21.97
CA ARG A 75 4.29 45.99 -22.15
C ARG A 75 5.11 47.08 -22.86
N GLU A 76 6.40 46.81 -23.13
CA GLU A 76 7.31 47.81 -23.70
C GLU A 76 7.67 47.64 -25.18
N ASP A 77 8.03 46.41 -25.62
CA ASP A 77 8.46 46.22 -27.01
C ASP A 77 7.50 45.41 -27.88
N LYS A 78 7.12 45.96 -29.03
CA LYS A 78 6.27 45.31 -30.02
C LYS A 78 7.20 44.42 -30.92
N ALA A 79 6.90 43.10 -31.01
CA ALA A 79 7.69 42.17 -31.83
C ALA A 79 6.79 41.15 -32.50
N LYS A 80 6.99 40.89 -33.81
CA LYS A 80 6.17 39.90 -34.53
C LYS A 80 6.54 38.48 -34.04
N TYR A 81 7.85 38.21 -33.85
CA TYR A 81 8.36 36.94 -33.41
C TYR A 81 9.27 37.08 -32.23
N ARG A 82 8.91 36.38 -31.15
CA ARG A 82 9.75 36.35 -29.96
C ARG A 82 10.63 35.11 -30.00
N ILE A 83 11.94 35.32 -30.05
CA ILE A 83 12.93 34.24 -30.02
C ILE A 83 13.31 34.03 -28.55
N ARG A 84 12.66 33.06 -27.91
CA ARG A 84 12.92 32.77 -26.49
C ARG A 84 14.10 31.82 -26.42
N VAL A 85 15.20 32.30 -25.85
CA VAL A 85 16.45 31.55 -25.73
C VAL A 85 16.64 31.15 -24.29
N CYS A 86 16.73 29.84 -24.05
CA CYS A 86 16.96 29.38 -22.70
C CYS A 86 18.39 29.72 -22.23
N VAL A 87 18.50 30.35 -21.07
CA VAL A 87 19.80 30.74 -20.49
C VAL A 87 20.06 29.97 -19.18
N SER A 88 19.25 28.93 -18.87
CA SER A 88 19.42 28.13 -17.65
C SER A 88 20.59 27.16 -17.79
N ILE A 89 20.86 26.42 -16.71
CA ILE A 89 22.02 25.55 -16.47
C ILE A 89 22.34 24.55 -17.62
N VAL A 90 21.38 23.75 -18.07
CA VAL A 90 21.68 22.72 -19.08
C VAL A 90 22.04 23.35 -20.43
N CYS A 91 21.22 24.29 -20.89
CA CYS A 91 21.49 24.94 -22.16
C CYS A 91 22.78 25.72 -22.11
N HIS A 92 23.08 26.39 -20.97
CA HIS A 92 24.36 27.10 -20.77
C HIS A 92 25.53 26.14 -20.98
N LEU A 93 25.48 24.97 -20.32
CA LEU A 93 26.50 23.91 -20.38
C LEU A 93 26.66 23.37 -21.81
N MET A 94 25.55 23.23 -22.55
CA MET A 94 25.52 22.60 -23.88
C MET A 94 25.66 23.56 -25.06
N GLY A 95 25.69 24.87 -24.85
CA GLY A 95 25.93 25.80 -25.94
C GLY A 95 25.03 27.00 -26.17
N THR A 96 24.38 27.56 -25.12
CA THR A 96 23.55 28.80 -25.27
C THR A 96 24.38 29.93 -25.95
N ASN A 97 25.65 30.14 -25.52
CA ASN A 97 26.49 31.20 -26.09
C ASN A 97 26.70 31.07 -27.60
N LYS A 98 26.81 29.82 -28.13
CA LYS A 98 26.94 29.53 -29.56
C LYS A 98 25.64 29.90 -30.30
N LEU A 99 24.49 29.62 -29.67
CA LEU A 99 23.17 29.97 -30.22
C LEU A 99 23.03 31.51 -30.26
N LEU A 100 23.40 32.19 -29.16
CA LEU A 100 23.33 33.66 -29.07
C LEU A 100 24.30 34.35 -30.05
N LYS A 101 25.48 33.77 -30.29
CA LYS A 101 26.42 34.30 -31.28
C LYS A 101 25.84 34.13 -32.70
N ALA A 102 25.24 32.96 -32.99
CA ALA A 102 24.62 32.68 -34.30
C ALA A 102 23.45 33.63 -34.56
N LEU A 103 22.65 33.95 -33.54
CA LEU A 103 21.54 34.90 -33.64
C LEU A 103 22.07 36.30 -33.91
N GLU A 104 23.20 36.67 -33.28
CA GLU A 104 23.84 37.97 -33.50
C GLU A 104 24.37 38.06 -34.94
N ASN A 105 24.97 36.97 -35.47
CA ASN A 105 25.48 36.92 -36.84
C ASN A 105 24.35 37.03 -37.88
N ILE A 106 23.21 36.38 -37.62
CA ILE A 106 22.07 36.41 -38.55
C ILE A 106 21.26 37.69 -38.44
N LEU A 107 20.84 38.07 -37.22
CA LEU A 107 19.94 39.21 -37.01
C LEU A 107 20.58 40.53 -36.56
N GLY A 108 21.81 40.49 -36.05
CA GLY A 108 22.51 41.68 -35.58
C GLY A 108 22.04 42.22 -34.24
N ILE A 109 21.31 41.38 -33.47
CA ILE A 109 20.77 41.80 -32.17
C ILE A 109 21.23 40.86 -31.03
N LYS A 110 21.19 41.39 -29.79
CA LYS A 110 21.56 40.70 -28.56
C LYS A 110 20.32 40.45 -27.68
N PRO A 111 20.39 39.58 -26.62
CA PRO A 111 19.20 39.39 -25.76
C PRO A 111 18.63 40.71 -25.23
N GLY A 112 17.30 40.80 -25.26
CA GLY A 112 16.59 41.99 -24.82
C GLY A 112 16.35 43.01 -25.92
N GLU A 113 17.02 42.86 -27.09
CA GLU A 113 16.89 43.81 -28.20
C GLU A 113 15.87 43.32 -29.24
N VAL A 114 15.32 44.27 -30.03
CA VAL A 114 14.37 44.03 -31.13
C VAL A 114 15.07 44.51 -32.41
N THR A 115 14.84 43.84 -33.54
CA THR A 115 15.41 44.27 -34.84
C THR A 115 14.74 45.60 -35.25
N PRO A 116 15.43 46.49 -36.02
CA PRO A 116 14.80 47.79 -36.41
C PRO A 116 13.43 47.71 -37.08
N ASP A 117 13.16 46.63 -37.84
CA ASP A 117 11.89 46.40 -38.54
C ASP A 117 10.76 45.90 -37.59
N GLY A 118 11.11 45.62 -36.32
CA GLY A 118 10.20 45.10 -35.31
C GLY A 118 9.79 43.65 -35.51
N LYS A 119 10.53 42.93 -36.39
CA LYS A 119 10.21 41.54 -36.71
C LYS A 119 10.57 40.55 -35.60
N PHE A 120 11.81 40.62 -35.07
CA PHE A 120 12.29 39.68 -34.06
C PHE A 120 12.80 40.36 -32.80
N LYS A 121 12.51 39.75 -31.64
CA LYS A 121 13.07 40.17 -30.36
C LYS A 121 13.68 38.93 -29.72
N ILE A 122 14.91 39.03 -29.21
CA ILE A 122 15.52 37.93 -28.48
C ILE A 122 15.15 38.11 -26.99
N VAL A 123 14.51 37.08 -26.42
CA VAL A 123 14.04 37.08 -25.03
C VAL A 123 14.80 35.99 -24.24
N PRO A 124 15.73 36.36 -23.32
CA PRO A 124 16.38 35.31 -22.52
C PRO A 124 15.37 34.76 -21.51
N VAL A 125 15.28 33.44 -21.38
CA VAL A 125 14.30 32.82 -20.50
C VAL A 125 14.97 31.73 -19.67
N GLN A 126 14.29 31.31 -18.60
CA GLN A 126 14.73 30.22 -17.75
C GLN A 126 14.31 28.89 -18.40
N CYS A 127 14.77 27.77 -17.85
CA CYS A 127 14.57 26.43 -18.38
C CYS A 127 13.22 26.22 -19.06
N LEU A 128 13.28 25.83 -20.35
CA LEU A 128 12.12 25.59 -21.20
C LEU A 128 11.57 24.17 -21.13
N GLY A 129 12.18 23.33 -20.28
CA GLY A 129 11.76 21.94 -20.12
C GLY A 129 11.97 21.11 -21.38
N ALA A 130 13.13 21.22 -22.02
CA ALA A 130 13.48 20.41 -23.20
C ALA A 130 14.99 20.25 -23.18
N CYS A 131 15.54 20.12 -21.95
CA CYS A 131 16.97 20.08 -21.60
C CYS A 131 17.78 19.02 -22.34
N SER A 132 17.16 17.88 -22.69
CA SER A 132 17.85 16.81 -23.44
C SER A 132 18.13 17.27 -24.89
N GLU A 133 17.46 18.35 -25.34
CA GLU A 133 17.62 18.93 -26.68
C GLU A 133 18.36 20.25 -26.63
N ALA A 134 19.13 20.48 -25.56
CA ALA A 134 19.88 21.71 -25.35
C ALA A 134 20.92 21.95 -26.46
N PRO A 135 21.18 23.21 -26.88
CA PRO A 135 20.53 24.48 -26.44
C PRO A 135 19.16 24.67 -27.11
N VAL A 136 18.17 25.03 -26.30
CA VAL A 136 16.77 25.18 -26.75
C VAL A 136 16.40 26.64 -27.02
N PHE A 137 15.54 26.84 -28.03
CA PHE A 137 14.96 28.13 -28.31
C PHE A 137 13.54 27.93 -28.85
N MET A 138 12.72 28.97 -28.76
CA MET A 138 11.38 29.02 -29.31
C MET A 138 11.30 30.20 -30.26
N VAL A 139 10.44 30.11 -31.29
CA VAL A 139 10.14 31.24 -32.20
C VAL A 139 8.62 31.28 -32.06
N ASN A 140 8.13 32.20 -31.21
CA ASN A 140 6.74 32.29 -30.75
C ASN A 140 6.38 30.91 -30.14
N ASP A 141 5.38 30.17 -30.69
CA ASP A 141 4.99 28.86 -30.11
C ASP A 141 5.83 27.66 -30.54
N ASP A 142 6.66 27.79 -31.59
CA ASP A 142 7.46 26.67 -32.09
C ASP A 142 8.73 26.52 -31.26
N GLU A 143 9.12 25.29 -31.00
CA GLU A 143 10.32 25.05 -30.22
C GLU A 143 11.29 24.18 -31.00
N TYR A 144 12.60 24.45 -30.84
CA TYR A 144 13.70 23.80 -31.56
C TYR A 144 14.95 23.59 -30.71
N LYS A 145 15.77 22.64 -31.13
CA LYS A 145 17.13 22.43 -30.65
C LYS A 145 18.03 23.22 -31.63
N PHE A 146 19.00 24.00 -31.08
CA PHE A 146 19.97 24.70 -31.93
C PHE A 146 21.06 23.67 -32.29
N GLU A 147 21.34 23.51 -33.60
CA GLU A 147 22.36 22.62 -34.11
C GLU A 147 23.54 23.42 -34.62
N SER A 148 23.29 24.45 -35.46
CA SER A 148 24.34 25.28 -36.06
C SER A 148 23.72 26.54 -36.64
N GLU A 149 24.57 27.50 -37.03
CA GLU A 149 24.16 28.74 -37.66
C GLU A 149 23.43 28.47 -39.01
N VAL A 150 23.94 27.52 -39.83
CA VAL A 150 23.33 27.13 -41.11
C VAL A 150 21.89 26.58 -40.86
N GLN A 151 21.74 25.70 -39.86
CA GLN A 151 20.46 25.12 -39.50
C GLN A 151 19.50 26.22 -38.97
N LEU A 152 19.99 27.10 -38.07
CA LEU A 152 19.23 28.20 -37.47
C LEU A 152 18.73 29.17 -38.53
N ASN A 153 19.62 29.57 -39.46
CA ASN A 153 19.31 30.47 -40.56
C ASN A 153 18.13 29.95 -41.40
N GLU A 154 18.09 28.63 -41.67
CA GLU A 154 17.01 28.03 -42.42
C GLU A 154 15.68 28.09 -41.61
N ILE A 155 15.75 27.84 -40.30
CA ILE A 155 14.58 27.91 -39.41
C ILE A 155 13.96 29.32 -39.44
N LEU A 156 14.80 30.35 -39.22
CA LEU A 156 14.38 31.76 -39.19
C LEU A 156 13.77 32.26 -40.50
N SER A 157 14.25 31.73 -41.65
CA SER A 157 13.70 32.07 -42.98
C SER A 157 12.22 31.66 -43.16
N ARG A 158 11.71 30.75 -42.33
CA ARG A 158 10.31 30.30 -42.37
C ARG A 158 9.34 31.35 -41.75
N TYR A 159 9.86 32.33 -41.01
CA TYR A 159 9.09 33.37 -40.32
C TYR A 159 9.22 34.64 -41.11
N THR A 160 8.15 34.98 -41.82
CA THR A 160 8.07 36.11 -42.75
C THR A 160 7.40 37.37 -42.16
N ARG B 2 -5.08 18.21 -37.99
CA ARG B 2 -4.84 19.13 -36.88
C ARG B 2 -3.35 19.37 -36.69
N SER B 3 -2.96 20.63 -36.81
CA SER B 3 -1.58 21.09 -36.76
C SER B 3 -1.24 21.71 -35.41
N TYR B 4 -0.12 21.30 -34.85
CA TYR B 4 0.35 21.81 -33.56
C TYR B 4 1.69 22.53 -33.75
N PRO B 5 2.09 23.43 -32.81
CA PRO B 5 3.42 24.06 -32.92
C PRO B 5 4.54 23.00 -32.92
N ALA B 6 5.70 23.31 -33.54
CA ALA B 6 6.84 22.39 -33.58
C ALA B 6 7.36 22.12 -32.17
N ILE B 7 7.70 20.86 -31.89
CA ILE B 7 8.29 20.46 -30.61
C ILE B 7 9.52 19.61 -30.87
N PRO B 8 10.62 19.74 -30.11
CA PRO B 8 11.78 18.87 -30.36
C PRO B 8 11.43 17.40 -30.01
N ARG B 9 11.99 16.42 -30.72
CA ARG B 9 11.66 15.02 -30.45
C ARG B 9 12.59 14.46 -29.41
N ILE B 10 12.15 14.53 -28.16
CA ILE B 10 12.94 14.07 -27.01
C ILE B 10 12.98 12.56 -27.06
N TYR B 11 14.15 12.01 -26.92
CA TYR B 11 14.35 10.57 -26.88
C TYR B 11 13.73 9.97 -25.60
N ALA B 12 12.96 8.89 -25.74
CA ALA B 12 12.31 8.22 -24.60
C ALA B 12 12.55 6.71 -24.70
N GLU B 13 12.89 6.08 -23.58
CA GLU B 13 13.19 4.65 -23.51
C GLU B 13 12.59 4.09 -22.23
N THR B 14 12.08 2.85 -22.30
CA THR B 14 11.44 2.18 -21.16
C THR B 14 11.86 0.71 -21.01
N THR B 15 11.90 0.23 -19.76
CA THR B 15 12.12 -1.17 -19.44
C THR B 15 10.83 -1.75 -18.89
N LEU B 16 9.80 -0.91 -18.69
CA LEU B 16 8.53 -1.32 -18.08
C LEU B 16 7.34 -1.28 -19.02
N ASN B 17 7.42 -0.47 -20.10
CA ASN B 17 6.35 -0.31 -21.10
C ASN B 17 5.01 0.08 -20.45
N MET B 18 5.03 1.07 -19.54
CA MET B 18 3.81 1.52 -18.88
C MET B 18 3.49 2.97 -19.25
N LEU B 19 4.06 3.96 -18.55
CA LEU B 19 3.85 5.39 -18.86
C LEU B 19 4.34 5.72 -20.26
N LEU B 20 5.36 4.97 -20.74
CA LEU B 20 5.92 5.17 -22.10
C LEU B 20 5.50 4.09 -23.12
N LYS B 21 4.46 3.29 -22.79
CA LYS B 21 3.96 2.27 -23.74
C LYS B 21 3.73 2.87 -25.13
N ARG B 22 3.07 4.04 -25.17
CA ARG B 22 2.82 4.81 -26.39
C ARG B 22 3.79 5.99 -26.46
N ALA B 23 4.03 6.70 -25.34
CA ALA B 23 4.85 7.91 -25.27
C ALA B 23 6.35 7.70 -25.60
N LYS B 24 6.81 6.45 -25.78
CA LYS B 24 8.20 6.23 -26.22
C LYS B 24 8.30 6.67 -27.72
N LYS B 25 7.15 6.79 -28.44
CA LYS B 25 7.13 7.26 -29.84
C LYS B 25 6.82 8.76 -29.84
N PRO B 26 7.66 9.59 -30.49
CA PRO B 26 7.47 11.05 -30.42
C PRO B 26 6.34 11.61 -31.27
N ARG B 27 5.10 11.25 -30.97
CA ARG B 27 3.94 11.71 -31.74
C ARG B 27 2.69 11.67 -30.88
N VAL B 28 1.65 12.42 -31.28
CA VAL B 28 0.39 12.45 -30.54
C VAL B 28 -0.35 11.12 -30.78
N HIS B 29 -0.75 10.41 -29.71
CA HIS B 29 -1.56 9.19 -29.86
C HIS B 29 -3.00 9.66 -29.57
N SER B 30 -3.86 9.67 -30.61
CA SER B 30 -5.23 10.12 -30.46
C SER B 30 -6.12 9.02 -29.90
N ILE B 31 -7.39 9.35 -29.63
CA ILE B 31 -8.30 8.47 -28.90
C ILE B 31 -8.50 7.07 -29.54
N ASP B 32 -8.58 6.94 -30.87
CA ASP B 32 -8.78 5.63 -31.51
C ASP B 32 -7.63 4.68 -31.23
N GLU B 33 -6.41 5.20 -31.33
CA GLU B 33 -5.22 4.42 -31.07
C GLU B 33 -5.18 4.05 -29.57
N TYR B 34 -5.58 5.00 -28.71
CA TYR B 34 -5.61 4.77 -27.26
C TYR B 34 -6.62 3.66 -26.91
N LEU B 35 -7.83 3.73 -27.51
CA LEU B 35 -8.89 2.72 -27.30
C LEU B 35 -8.45 1.32 -27.75
N LYS B 36 -7.72 1.25 -28.88
CA LYS B 36 -7.16 -0.02 -29.41
C LYS B 36 -6.20 -0.72 -28.42
N ASP B 37 -5.55 0.03 -27.53
CA ASP B 37 -4.71 -0.52 -26.47
C ASP B 37 -5.47 -0.84 -25.20
N GLY B 38 -6.79 -0.72 -25.23
CA GLY B 38 -7.60 -0.92 -24.03
C GLY B 38 -7.71 0.33 -23.18
N GLY B 39 -7.41 1.50 -23.77
CA GLY B 39 -7.56 2.78 -23.08
C GLY B 39 -9.01 3.05 -22.69
N TYR B 40 -9.21 3.69 -21.51
CA TYR B 40 -10.53 4.05 -20.92
C TYR B 40 -11.26 2.81 -20.32
N GLN B 41 -10.67 1.62 -20.45
CA GLN B 41 -11.22 0.43 -19.81
C GLN B 41 -10.95 0.46 -18.29
N ALA B 42 -9.83 1.11 -17.85
CA ALA B 42 -9.58 1.26 -16.40
C ALA B 42 -10.66 2.23 -15.80
N LEU B 43 -11.02 3.30 -16.56
CA LEU B 43 -12.11 4.19 -16.13
C LEU B 43 -13.48 3.43 -15.99
N GLU B 44 -13.81 2.56 -16.93
CA GLU B 44 -15.05 1.77 -16.89
C GLU B 44 -15.09 0.85 -15.67
N LYS B 45 -13.95 0.21 -15.36
CA LYS B 45 -13.80 -0.61 -14.14
C LYS B 45 -13.91 0.29 -12.88
N ALA B 46 -13.25 1.48 -12.88
CA ALA B 46 -13.29 2.45 -11.77
C ALA B 46 -14.74 2.92 -11.48
N LEU B 47 -15.52 3.21 -12.53
CA LEU B 47 -16.93 3.63 -12.34
C LEU B 47 -17.83 2.51 -11.78
N ASN B 48 -17.34 1.26 -11.75
CA ASN B 48 -18.07 0.15 -11.15
C ASN B 48 -17.56 -0.13 -9.74
N MET B 49 -16.60 0.66 -9.28
CA MET B 49 -16.07 0.57 -7.91
C MET B 49 -16.57 1.76 -7.11
N SER B 50 -16.52 1.67 -5.80
CA SER B 50 -16.91 2.81 -5.01
C SER B 50 -15.69 3.76 -4.97
N PRO B 51 -15.89 5.09 -4.80
CA PRO B 51 -14.73 6.01 -4.68
C PRO B 51 -13.78 5.61 -3.57
N GLU B 52 -14.31 5.04 -2.47
CA GLU B 52 -13.53 4.59 -1.32
C GLU B 52 -12.62 3.40 -1.68
N GLU B 53 -13.11 2.46 -2.54
CA GLU B 53 -12.29 1.31 -2.99
C GLU B 53 -11.12 1.81 -3.82
N ILE B 54 -11.35 2.83 -4.66
CA ILE B 54 -10.32 3.42 -5.51
C ILE B 54 -9.23 4.06 -4.63
N ILE B 55 -9.63 4.87 -3.63
CA ILE B 55 -8.66 5.48 -2.70
C ILE B 55 -7.81 4.38 -2.06
N ASP B 56 -8.47 3.29 -1.60
CA ASP B 56 -7.85 2.11 -0.99
C ASP B 56 -6.80 1.43 -1.89
N TRP B 57 -7.12 1.19 -3.17
CA TRP B 57 -6.13 0.59 -4.09
C TRP B 57 -4.96 1.58 -4.32
N VAL B 58 -5.26 2.88 -4.47
CA VAL B 58 -4.19 3.89 -4.71
C VAL B 58 -3.28 3.94 -3.47
N ASP B 59 -3.88 3.85 -2.28
CA ASP B 59 -3.13 3.81 -1.02
C ASP B 59 -2.25 2.55 -0.95
N LYS B 60 -2.85 1.35 -1.15
CA LYS B 60 -2.14 0.06 -1.08
C LYS B 60 -1.07 -0.14 -2.18
N SER B 61 -1.20 0.61 -3.30
CA SER B 61 -0.22 0.54 -4.39
C SER B 61 1.16 1.12 -3.99
N THR B 62 1.18 2.01 -2.95
CA THR B 62 2.34 2.77 -2.42
C THR B 62 2.72 3.93 -3.33
N LEU B 63 1.84 4.29 -4.31
CA LEU B 63 2.09 5.43 -5.21
C LEU B 63 2.44 6.68 -4.34
N ARG B 64 3.51 7.37 -4.72
CA ARG B 64 4.00 8.58 -4.07
C ARG B 64 4.06 9.67 -5.11
N GLY B 65 3.87 10.92 -4.64
CA GLY B 65 3.89 12.10 -5.49
C GLY B 65 5.14 12.23 -6.33
N ARG B 66 4.96 12.28 -7.64
CA ARG B 66 6.03 12.35 -8.65
C ARG B 66 6.43 13.81 -8.96
N GLY B 67 5.77 14.77 -8.29
CA GLY B 67 6.07 16.20 -8.43
C GLY B 67 7.34 16.62 -7.69
N GLY B 68 7.92 15.71 -6.89
CA GLY B 68 9.17 15.98 -6.19
C GLY B 68 9.20 15.72 -4.69
N ALA B 69 8.05 15.86 -3.98
CA ALA B 69 8.06 15.65 -2.51
C ALA B 69 7.81 14.21 -2.09
N GLY B 70 7.29 13.38 -2.98
CA GLY B 70 7.02 11.98 -2.67
C GLY B 70 5.95 11.73 -1.60
N PHE B 71 4.95 12.64 -1.45
CA PHE B 71 3.89 12.43 -0.44
C PHE B 71 2.97 11.26 -0.91
N PRO B 72 2.61 10.29 -0.02
CA PRO B 72 1.72 9.19 -0.44
C PRO B 72 0.39 9.70 -1.03
N THR B 73 0.13 9.35 -2.28
CA THR B 73 -1.04 9.81 -3.04
C THR B 73 -2.39 9.41 -2.42
N GLY B 74 -2.57 8.13 -2.08
CA GLY B 74 -3.80 7.63 -1.46
C GLY B 74 -4.09 8.33 -0.14
N LYS B 75 -3.03 8.60 0.65
CA LYS B 75 -3.17 9.32 1.92
C LYS B 75 -3.63 10.77 1.67
N LYS B 76 -3.09 11.44 0.64
CA LYS B 76 -3.51 12.81 0.31
C LYS B 76 -5.02 12.84 -0.04
N TRP B 77 -5.47 11.89 -0.88
CA TRP B 77 -6.88 11.77 -1.28
C TRP B 77 -7.78 11.52 -0.08
N LYS B 78 -7.33 10.66 0.86
CA LYS B 78 -8.08 10.36 2.09
C LYS B 78 -8.30 11.62 2.91
N PHE B 79 -7.29 12.52 3.00
CA PHE B 79 -7.40 13.79 3.73
C PHE B 79 -8.46 14.71 3.09
N ALA B 80 -8.50 14.80 1.74
CA ALA B 80 -9.48 15.62 1.03
C ALA B 80 -10.93 15.17 1.30
N VAL B 81 -11.17 13.84 1.24
CA VAL B 81 -12.53 13.29 1.41
C VAL B 81 -13.02 13.30 2.87
N GLN B 82 -12.15 13.63 3.87
CA GLN B 82 -12.62 13.79 5.28
C GLN B 82 -13.34 15.14 5.42
N ASN B 83 -13.13 16.05 4.45
CA ASN B 83 -13.70 17.39 4.44
C ASN B 83 -14.92 17.45 3.53
N PRO B 84 -15.98 18.19 3.94
CA PRO B 84 -17.19 18.28 3.09
C PRO B 84 -16.93 18.93 1.72
N GLY B 85 -17.63 18.41 0.71
CA GLY B 85 -17.57 18.92 -0.66
C GLY B 85 -18.30 20.23 -0.81
N PRO B 86 -18.31 20.86 -2.01
CA PRO B 86 -17.67 20.44 -3.27
C PRO B 86 -16.14 20.43 -3.18
N ARG B 87 -15.53 19.51 -3.94
CA ARG B 87 -14.07 19.34 -3.96
C ARG B 87 -13.59 19.55 -5.36
N TYR B 88 -12.31 19.90 -5.52
CA TYR B 88 -11.67 20.13 -6.80
C TYR B 88 -10.46 19.24 -6.99
N PHE B 89 -10.20 18.89 -8.23
CA PHE B 89 -9.02 18.10 -8.57
C PHE B 89 -8.16 18.94 -9.52
N ILE B 90 -6.87 19.01 -9.25
CA ILE B 90 -5.97 19.79 -10.09
C ILE B 90 -4.79 18.96 -10.52
N CYS B 91 -4.54 18.96 -11.83
CA CYS B 91 -3.38 18.35 -12.43
C CYS B 91 -2.31 19.46 -12.56
N ASN B 92 -1.17 19.25 -11.90
CA ASN B 92 -0.08 20.20 -11.96
C ASN B 92 0.82 19.86 -13.19
N ALA B 93 0.69 20.66 -14.27
CA ALA B 93 1.51 20.49 -15.49
C ALA B 93 2.40 21.74 -15.67
N ASP B 94 2.76 22.38 -14.56
CA ASP B 94 3.62 23.56 -14.63
C ASP B 94 5.07 23.25 -15.04
N GLU B 95 5.57 22.04 -14.75
CA GLU B 95 6.92 21.58 -15.06
C GLU B 95 7.92 22.69 -15.47
N SER B 96 8.48 23.40 -14.48
CA SER B 96 9.43 24.48 -14.77
C SER B 96 10.75 24.33 -14.03
N GLU B 97 10.96 23.18 -13.38
CA GLU B 97 12.22 22.90 -12.69
C GLU B 97 13.33 22.69 -13.75
N PRO B 98 14.52 23.35 -13.63
CA PRO B 98 15.61 23.08 -14.59
C PRO B 98 15.93 21.59 -14.71
N GLY B 99 16.17 21.13 -15.95
CA GLY B 99 16.46 19.73 -16.24
C GLY B 99 15.24 18.82 -16.30
N THR B 100 14.04 19.36 -15.98
CA THR B 100 12.85 18.50 -15.88
C THR B 100 11.97 18.65 -17.10
N PHE B 101 11.82 17.54 -17.82
CA PHE B 101 11.03 17.48 -19.06
C PHE B 101 10.26 16.15 -19.14
N LYS B 102 10.04 15.52 -17.96
CA LYS B 102 9.36 14.23 -17.88
C LYS B 102 7.86 14.32 -18.17
N ASP B 103 7.18 15.36 -17.62
CA ASP B 103 5.73 15.49 -17.72
C ASP B 103 5.24 15.80 -19.12
N ARG B 104 6.01 16.65 -19.86
CA ARG B 104 5.62 17.03 -21.23
C ARG B 104 5.51 15.84 -22.16
N ILE B 105 6.32 14.80 -21.92
CA ILE B 105 6.34 13.56 -22.71
C ILE B 105 4.97 12.88 -22.66
N ILE B 106 4.35 12.83 -21.47
CA ILE B 106 3.03 12.24 -21.31
C ILE B 106 1.96 13.13 -21.95
N ILE B 107 2.03 14.43 -21.68
CA ILE B 107 1.07 15.40 -22.18
C ILE B 107 1.02 15.42 -23.71
N GLU B 108 2.18 15.53 -24.35
CA GLU B 108 2.23 15.70 -25.81
C GLU B 108 2.04 14.42 -26.60
N ARG B 109 2.34 13.27 -26.01
CA ARG B 109 2.29 12.01 -26.72
C ARG B 109 1.16 11.08 -26.32
N ASP B 110 0.80 11.05 -25.04
CA ASP B 110 -0.27 10.14 -24.60
C ASP B 110 -1.24 10.93 -23.72
N PRO B 111 -1.84 12.03 -24.27
CA PRO B 111 -2.73 12.84 -23.43
C PRO B 111 -3.91 12.07 -22.83
N HIS B 112 -4.41 11.00 -23.51
CA HIS B 112 -5.54 10.22 -22.99
C HIS B 112 -5.16 9.41 -21.74
N LEU B 113 -3.86 9.09 -21.54
CA LEU B 113 -3.43 8.42 -20.31
C LEU B 113 -3.61 9.37 -19.12
N LEU B 114 -3.18 10.64 -19.30
CA LEU B 114 -3.35 11.69 -18.30
C LEU B 114 -4.87 11.96 -18.11
N ILE B 115 -5.63 12.07 -19.20
CA ILE B 115 -7.08 12.35 -19.06
C ILE B 115 -7.79 11.23 -18.30
N GLU B 116 -7.54 9.96 -18.68
CA GLU B 116 -8.14 8.85 -17.98
C GLU B 116 -7.79 8.92 -16.47
N GLY B 117 -6.53 9.18 -16.15
CA GLY B 117 -6.11 9.30 -14.75
C GLY B 117 -6.83 10.41 -14.00
N ILE B 118 -7.03 11.58 -14.64
CA ILE B 118 -7.75 12.71 -14.02
C ILE B 118 -9.20 12.33 -13.71
N ILE B 119 -9.87 11.62 -14.65
CA ILE B 119 -11.28 11.23 -14.47
C ILE B 119 -11.44 10.29 -13.28
N ILE B 120 -10.60 9.25 -13.19
CA ILE B 120 -10.65 8.28 -12.11
C ILE B 120 -10.35 8.96 -10.79
N SER B 121 -9.29 9.83 -10.74
CA SER B 121 -8.89 10.53 -9.51
C SER B 121 -9.99 11.49 -9.04
N SER B 122 -10.64 12.22 -9.98
CA SER B 122 -11.75 13.14 -9.68
C SER B 122 -12.92 12.37 -9.12
N TYR B 123 -13.25 11.23 -9.76
CA TYR B 123 -14.31 10.34 -9.28
C TYR B 123 -13.95 9.87 -7.86
N ALA B 124 -12.70 9.45 -7.61
CA ALA B 124 -12.29 8.96 -6.27
C ALA B 124 -12.51 9.97 -5.15
N ILE B 125 -12.27 11.27 -5.42
CA ILE B 125 -12.40 12.31 -4.39
C ILE B 125 -13.73 13.09 -4.46
N GLY B 126 -14.58 12.72 -5.41
CA GLY B 126 -15.90 13.37 -5.55
C GLY B 126 -15.84 14.77 -6.16
N ALA B 127 -14.84 15.05 -7.02
CA ALA B 127 -14.72 16.37 -7.65
C ALA B 127 -15.48 16.35 -8.97
N ASN B 128 -16.30 17.37 -9.23
CA ASN B 128 -17.04 17.45 -10.51
C ASN B 128 -16.40 18.45 -11.46
N GLU B 129 -15.33 19.14 -11.00
CA GLU B 129 -14.55 20.05 -11.83
C GLU B 129 -13.08 19.77 -11.61
N ALA B 130 -12.35 19.57 -12.71
CA ALA B 130 -10.91 19.33 -12.66
C ALA B 130 -10.19 20.37 -13.52
N TYR B 131 -8.97 20.70 -13.14
CA TYR B 131 -8.17 21.70 -13.85
C TYR B 131 -6.83 21.15 -14.18
N ILE B 132 -6.34 21.45 -15.39
CA ILE B 132 -4.96 21.17 -15.76
C ILE B 132 -4.34 22.56 -15.81
N TYR B 133 -3.27 22.80 -15.03
CA TYR B 133 -2.56 24.08 -15.12
C TYR B 133 -1.26 23.74 -15.82
N ILE B 134 -1.13 24.16 -17.07
CA ILE B 134 0.05 23.89 -17.89
C ILE B 134 0.85 25.17 -18.10
N ARG B 135 2.20 25.11 -17.94
CA ARG B 135 3.05 26.30 -18.12
C ARG B 135 2.84 26.93 -19.50
N GLY B 136 2.95 28.25 -19.57
CA GLY B 136 2.77 29.02 -20.81
C GLY B 136 3.71 28.65 -21.93
N GLU B 137 4.93 28.14 -21.58
CA GLU B 137 5.99 27.74 -22.53
C GLU B 137 5.79 26.33 -23.10
N TYR B 138 4.63 25.69 -22.77
CA TYR B 138 4.20 24.43 -23.37
C TYR B 138 2.93 24.70 -24.23
N PRO B 139 2.96 25.56 -25.28
CA PRO B 139 1.75 25.80 -26.08
C PRO B 139 1.25 24.57 -26.83
N ALA B 140 2.16 23.70 -27.37
CA ALA B 140 1.73 22.50 -28.10
C ALA B 140 1.00 21.56 -27.14
N GLY B 141 1.54 21.40 -25.93
CA GLY B 141 0.90 20.60 -24.89
C GLY B 141 -0.48 21.11 -24.56
N TYR B 142 -0.66 22.44 -24.47
CA TYR B 142 -1.96 23.05 -24.21
C TYR B 142 -2.98 22.70 -25.32
N TYR B 143 -2.59 22.87 -26.60
CA TYR B 143 -3.51 22.59 -27.73
C TYR B 143 -3.83 21.11 -27.85
N ILE B 144 -2.82 20.24 -27.61
CA ILE B 144 -3.00 18.79 -27.63
C ILE B 144 -4.00 18.37 -26.56
N LEU B 145 -3.87 18.92 -25.34
CA LEU B 145 -4.81 18.62 -24.25
C LEU B 145 -6.21 19.08 -24.53
N ARG B 146 -6.39 20.32 -25.05
CA ARG B 146 -7.72 20.85 -25.40
C ARG B 146 -8.43 19.93 -26.42
N ASP B 147 -7.68 19.46 -27.46
CA ASP B 147 -8.24 18.57 -28.48
C ASP B 147 -8.53 17.18 -27.93
N ALA B 148 -7.65 16.64 -27.07
CA ALA B 148 -7.85 15.31 -26.48
C ALA B 148 -9.07 15.29 -25.54
N ILE B 149 -9.29 16.38 -24.78
CA ILE B 149 -10.45 16.49 -23.90
C ILE B 149 -11.75 16.47 -24.74
N GLU B 150 -11.77 17.19 -25.89
CA GLU B 150 -12.93 17.16 -26.80
C GLU B 150 -13.18 15.77 -27.38
N GLU B 151 -12.10 15.03 -27.71
CA GLU B 151 -12.18 13.64 -28.20
C GLU B 151 -12.83 12.78 -27.10
N ALA B 152 -12.38 12.96 -25.84
CA ALA B 152 -12.93 12.22 -24.69
C ALA B 152 -14.41 12.54 -24.49
N LYS B 153 -14.79 13.81 -24.62
CA LYS B 153 -16.18 14.24 -24.48
C LYS B 153 -17.06 13.62 -25.56
N LYS B 154 -16.58 13.60 -26.81
CA LYS B 154 -17.34 13.04 -27.93
C LYS B 154 -17.57 11.53 -27.77
N LYS B 155 -16.61 10.82 -27.15
CA LYS B 155 -16.75 9.38 -26.91
C LYS B 155 -17.50 9.07 -25.59
N GLY B 156 -17.97 10.10 -24.89
CA GLY B 156 -18.75 9.94 -23.66
C GLY B 156 -17.96 9.68 -22.39
N PHE B 157 -16.65 10.02 -22.37
CA PHE B 157 -15.84 9.81 -21.16
C PHE B 157 -15.83 11.02 -20.20
N LEU B 158 -16.39 12.15 -20.65
CA LEU B 158 -16.48 13.42 -19.91
C LEU B 158 -17.82 14.00 -20.15
N GLY B 159 -18.25 14.88 -19.26
CA GLY B 159 -19.54 15.53 -19.34
C GLY B 159 -20.41 15.10 -18.18
N LYS B 160 -21.71 15.09 -18.39
CA LYS B 160 -22.63 14.70 -17.33
C LYS B 160 -22.93 13.22 -17.43
N ASN B 161 -23.19 12.58 -16.27
CA ASN B 161 -23.61 11.17 -16.19
C ASN B 161 -22.70 10.26 -17.07
N ILE B 162 -21.41 10.28 -16.79
CA ILE B 162 -20.41 9.55 -17.55
C ILE B 162 -20.68 8.06 -17.56
N LEU B 163 -20.95 7.50 -18.76
CA LEU B 163 -21.22 6.08 -18.98
C LEU B 163 -22.38 5.56 -18.09
N GLY B 164 -23.35 6.43 -17.81
CA GLY B 164 -24.53 6.11 -17.01
C GLY B 164 -24.25 5.91 -15.53
N SER B 165 -23.08 6.40 -15.05
CA SER B 165 -22.66 6.26 -13.65
C SER B 165 -23.28 7.28 -12.68
N GLY B 166 -23.83 8.37 -13.22
CA GLY B 166 -24.32 9.47 -12.40
C GLY B 166 -23.20 10.43 -12.00
N PHE B 167 -21.95 10.17 -12.44
CA PHE B 167 -20.79 11.02 -12.14
C PHE B 167 -20.59 12.05 -13.24
N ASP B 168 -20.51 13.33 -12.83
CA ASP B 168 -20.31 14.46 -13.75
C ASP B 168 -18.88 14.98 -13.65
N LEU B 169 -18.27 15.32 -14.78
CA LEU B 169 -16.95 15.94 -14.78
C LEU B 169 -16.70 16.79 -15.99
N GLU B 170 -16.10 17.97 -15.75
CA GLU B 170 -15.56 18.86 -16.77
C GLU B 170 -14.10 19.06 -16.41
N ILE B 171 -13.21 19.06 -17.43
CA ILE B 171 -11.78 19.31 -17.27
C ILE B 171 -11.47 20.62 -17.99
N TYR B 172 -10.98 21.61 -17.24
CA TYR B 172 -10.63 22.93 -17.79
C TYR B 172 -9.12 23.02 -17.91
N VAL B 173 -8.60 23.61 -18.98
CA VAL B 173 -7.14 23.75 -19.13
C VAL B 173 -6.79 25.23 -18.97
N ALA B 174 -5.98 25.54 -17.95
CA ALA B 174 -5.49 26.89 -17.73
C ALA B 174 -4.03 26.94 -18.18
N ARG B 175 -3.57 28.12 -18.61
CA ARG B 175 -2.17 28.30 -19.03
C ARG B 175 -1.46 29.23 -18.06
N GLY B 176 -0.21 28.90 -17.78
CA GLY B 176 0.67 29.74 -17.00
C GLY B 176 1.20 30.84 -17.89
N ALA B 177 2.05 31.71 -17.33
CA ALA B 177 2.57 32.81 -18.13
C ALA B 177 3.99 33.22 -17.74
N GLY B 178 4.81 32.22 -17.42
CA GLY B 178 6.25 32.41 -17.18
C GLY B 178 6.79 32.40 -15.77
N ALA B 179 6.05 31.92 -14.80
CA ALA B 179 6.52 31.90 -13.39
C ALA B 179 6.72 30.48 -12.85
N TYR B 180 7.98 30.11 -12.55
CA TYR B 180 8.33 28.82 -11.93
C TYR B 180 7.58 28.62 -10.60
N ILE B 181 7.34 29.72 -9.87
CA ILE B 181 6.64 29.63 -8.58
C ILE B 181 5.20 29.14 -8.74
N CYS B 182 4.61 29.24 -9.94
CA CYS B 182 3.25 28.75 -10.16
C CYS B 182 3.16 27.22 -10.21
N GLY B 183 4.31 26.55 -10.08
CA GLY B 183 4.41 25.12 -9.91
C GLY B 183 4.15 24.74 -8.45
N GLU B 184 4.41 25.67 -7.51
CA GLU B 184 4.15 25.45 -6.07
C GLU B 184 2.63 25.43 -5.96
N GLU B 185 2.06 24.35 -5.41
CA GLU B 185 0.61 24.11 -5.46
C GLU B 185 -0.29 25.25 -4.96
N THR B 186 0.13 26.04 -3.92
CA THR B 186 -0.74 27.15 -3.45
C THR B 186 -0.62 28.35 -4.39
N ALA B 187 0.56 28.58 -4.98
CA ALA B 187 0.72 29.68 -5.96
C ALA B 187 -0.05 29.31 -7.26
N LEU B 188 -0.06 28.02 -7.61
CA LEU B 188 -0.79 27.49 -8.77
C LEU B 188 -2.28 27.82 -8.57
N ILE B 189 -2.84 27.51 -7.37
CA ILE B 189 -4.23 27.78 -7.04
C ILE B 189 -4.54 29.29 -7.16
N GLU B 190 -3.66 30.16 -6.61
CA GLU B 190 -3.79 31.62 -6.68
C GLU B 190 -3.88 32.06 -8.15
N SER B 191 -3.02 31.47 -9.02
CA SER B 191 -3.00 31.75 -10.45
C SER B 191 -4.28 31.29 -11.12
N LEU B 192 -4.81 30.10 -10.73
CA LEU B 192 -6.09 29.59 -11.24
C LEU B 192 -7.24 30.49 -10.88
N GLU B 193 -7.11 31.21 -9.74
CA GLU B 193 -8.12 32.14 -9.25
C GLU B 193 -7.97 33.53 -9.91
N GLY B 194 -7.05 33.63 -10.87
CA GLY B 194 -6.82 34.84 -11.66
C GLY B 194 -5.98 35.92 -11.00
N LYS B 195 -5.07 35.51 -10.09
CA LYS B 195 -4.23 36.44 -9.37
C LYS B 195 -2.76 36.16 -9.63
N ARG B 196 -1.90 37.00 -9.00
CA ARG B 196 -0.45 36.84 -9.03
CA ARG B 196 -0.44 36.82 -9.03
C ARG B 196 -0.16 35.48 -8.34
N GLY B 197 0.84 34.75 -8.82
CA GLY B 197 1.21 33.44 -8.26
C GLY B 197 1.99 33.52 -6.97
N HIS B 198 1.32 33.97 -5.88
CA HIS B 198 1.95 34.07 -4.57
C HIS B 198 1.57 32.87 -3.68
N PRO B 199 2.53 32.04 -3.24
CA PRO B 199 2.19 30.95 -2.33
C PRO B 199 1.47 31.44 -1.05
N ARG B 200 0.69 30.55 -0.48
CA ARG B 200 -0.07 30.80 0.75
C ARG B 200 0.67 30.08 1.86
N LEU B 201 0.51 30.56 3.08
CA LEU B 201 1.04 29.91 4.29
C LEU B 201 0.31 28.51 4.43
N LYS B 202 1.10 27.44 4.65
CA LYS B 202 0.64 26.04 4.80
C LYS B 202 1.14 25.50 6.16
N PRO B 203 0.32 24.82 7.02
CA PRO B 203 -1.12 24.54 6.87
C PRO B 203 -1.97 25.82 6.86
N PRO B 204 -3.21 25.83 6.31
CA PRO B 204 -3.94 24.67 5.73
C PRO B 204 -3.32 24.15 4.43
N TYR B 205 -3.37 22.84 4.25
CA TYR B 205 -2.94 22.26 2.98
C TYR B 205 -4.15 22.36 2.04
N PRO B 206 -3.94 22.35 0.70
CA PRO B 206 -5.07 22.45 -0.24
C PRO B 206 -6.21 21.44 -0.01
N VAL B 207 -5.92 20.22 0.50
CA VAL B 207 -6.95 19.16 0.79
C VAL B 207 -7.97 19.64 1.81
N GLN B 208 -7.60 20.66 2.62
CA GLN B 208 -8.49 21.27 3.58
C GLN B 208 -9.07 22.57 2.98
N LYS B 209 -8.19 23.48 2.50
CA LYS B 209 -8.60 24.79 1.96
C LYS B 209 -7.79 25.06 0.71
N GLY B 210 -8.41 24.94 -0.44
CA GLY B 210 -7.70 25.11 -1.72
C GLY B 210 -8.32 26.11 -2.64
N LEU B 211 -8.77 25.64 -3.84
CA LEU B 211 -9.39 26.50 -4.83
C LEU B 211 -10.73 26.99 -4.30
N TRP B 212 -10.89 28.34 -4.22
CA TRP B 212 -12.04 29.03 -3.64
C TRP B 212 -12.26 28.63 -2.18
N GLY B 213 -11.17 28.25 -1.50
CA GLY B 213 -11.21 27.80 -0.11
C GLY B 213 -11.78 26.41 0.10
N LYS B 214 -12.03 25.66 -0.99
CA LYS B 214 -12.62 24.32 -0.92
C LYS B 214 -11.59 23.19 -0.92
N PRO B 215 -11.91 22.00 -0.34
CA PRO B 215 -10.96 20.85 -0.39
C PRO B 215 -10.50 20.60 -1.82
N THR B 216 -9.18 20.60 -2.01
CA THR B 216 -8.60 20.49 -3.34
C THR B 216 -7.41 19.53 -3.33
N VAL B 217 -7.39 18.60 -4.28
CA VAL B 217 -6.24 17.73 -4.46
C VAL B 217 -5.43 18.27 -5.63
N VAL B 218 -4.13 18.52 -5.39
CA VAL B 218 -3.20 18.87 -6.46
C VAL B 218 -2.27 17.68 -6.60
N ASN B 219 -2.15 17.14 -7.82
CA ASN B 219 -1.20 16.07 -8.12
C ASN B 219 -0.47 16.39 -9.40
N ASN B 220 0.77 15.91 -9.49
CA ASN B 220 1.63 16.07 -10.65
C ASN B 220 1.14 15.15 -11.80
N VAL B 221 1.39 15.56 -13.05
CA VAL B 221 1.06 14.81 -14.29
C VAL B 221 1.48 13.34 -14.19
N GLU B 222 2.73 13.09 -13.80
CA GLU B 222 3.27 11.73 -13.73
C GLU B 222 2.55 10.89 -12.68
N THR B 223 2.28 11.48 -11.48
CA THR B 223 1.53 10.78 -10.44
C THR B 223 0.17 10.30 -11.03
N ILE B 224 -0.54 11.20 -11.67
CA ILE B 224 -1.87 10.92 -12.26
C ILE B 224 -1.82 9.82 -13.33
N ALA B 225 -0.81 9.84 -14.21
CA ALA B 225 -0.64 8.84 -15.26
C ALA B 225 -0.46 7.40 -14.72
N ASN B 226 -0.11 7.23 -13.42
CA ASN B 226 -0.01 5.90 -12.80
C ASN B 226 -1.38 5.34 -12.43
N VAL B 227 -2.37 6.22 -12.18
CA VAL B 227 -3.70 5.82 -11.70
C VAL B 227 -4.42 4.83 -12.65
N PRO B 228 -4.44 5.02 -13.99
CA PRO B 228 -5.07 3.99 -14.86
C PRO B 228 -4.38 2.63 -14.73
N PHE B 229 -3.05 2.59 -14.52
CA PHE B 229 -2.32 1.32 -14.35
C PHE B 229 -2.70 0.62 -13.05
N ILE B 230 -2.84 1.37 -11.96
CA ILE B 230 -3.23 0.80 -10.66
C ILE B 230 -4.62 0.15 -10.79
N ILE B 231 -5.58 0.83 -11.44
CA ILE B 231 -6.93 0.25 -11.61
C ILE B 231 -6.91 -0.94 -12.56
N SER B 232 -6.22 -0.80 -13.69
CA SER B 232 -6.15 -1.83 -14.72
C SER B 232 -5.51 -3.15 -14.20
N MET B 233 -4.33 -3.05 -13.61
CA MET B 233 -3.57 -4.19 -13.11
C MET B 233 -4.01 -4.66 -11.75
N GLY B 234 -4.59 -3.76 -10.95
CA GLY B 234 -4.87 -4.00 -9.53
C GLY B 234 -3.63 -3.53 -8.76
N TRP B 235 -3.77 -3.21 -7.47
CA TRP B 235 -2.65 -2.67 -6.70
C TRP B 235 -1.52 -3.69 -6.46
N GLU B 236 -1.85 -5.01 -6.29
CA GLU B 236 -0.83 -6.05 -6.03
C GLU B 236 0.15 -6.13 -7.18
N GLU B 237 -0.37 -6.24 -8.43
CA GLU B 237 0.48 -6.32 -9.63
C GLU B 237 1.33 -5.07 -9.79
N TYR B 238 0.74 -3.89 -9.53
CA TYR B 238 1.48 -2.64 -9.58
C TYR B 238 2.64 -2.66 -8.56
N ARG B 239 2.38 -3.17 -7.35
CA ARG B 239 3.34 -3.23 -6.27
C ARG B 239 4.53 -4.20 -6.51
N TYR B 240 4.47 -5.09 -7.54
CA TYR B 240 5.61 -5.96 -7.89
C TYR B 240 6.65 -5.19 -8.70
N ILE B 241 6.34 -3.96 -9.17
CA ILE B 241 7.27 -3.14 -9.96
C ILE B 241 8.21 -2.39 -9.02
N GLY B 242 9.50 -2.74 -9.09
CA GLY B 242 10.53 -2.13 -8.25
C GLY B 242 10.41 -2.55 -6.79
N PRO B 243 10.98 -1.80 -5.83
CA PRO B 243 10.84 -2.19 -4.42
C PRO B 243 9.39 -2.05 -3.94
N SER B 244 8.87 -3.07 -3.22
CA SER B 244 7.46 -3.10 -2.73
C SER B 244 7.06 -1.90 -1.82
N ASP B 245 8.05 -1.16 -1.26
CA ASP B 245 7.79 0.04 -0.44
C ASP B 245 7.70 1.34 -1.28
N TYR B 246 8.36 1.38 -2.46
CA TYR B 246 8.43 2.52 -3.41
C TYR B 246 8.22 1.93 -4.79
N ALA B 247 7.01 1.43 -5.01
CA ALA B 247 6.68 0.72 -6.22
C ALA B 247 6.26 1.60 -7.37
N GLY B 248 6.29 0.99 -8.55
CA GLY B 248 5.81 1.59 -9.77
C GLY B 248 6.88 2.11 -10.69
N PRO B 249 6.47 2.41 -11.92
CA PRO B 249 7.42 3.02 -12.86
C PRO B 249 7.77 4.44 -12.42
N LYS B 250 8.95 4.92 -12.81
CA LYS B 250 9.33 6.30 -12.55
C LYS B 250 9.98 6.84 -13.81
N LEU B 251 9.67 8.09 -14.17
CA LEU B 251 10.28 8.74 -15.34
C LEU B 251 11.51 9.54 -14.87
N PHE B 252 12.63 9.36 -15.58
CA PHE B 252 13.89 10.01 -15.25
C PHE B 252 14.37 10.88 -16.41
N PRO B 253 14.17 12.21 -16.32
CA PRO B 253 14.70 13.09 -17.39
C PRO B 253 16.20 13.29 -17.18
N VAL B 254 17.01 12.77 -18.12
CA VAL B 254 18.47 12.78 -18.06
C VAL B 254 19.00 13.75 -19.12
N SER B 255 19.86 14.68 -18.71
CA SER B 255 20.42 15.67 -19.62
C SER B 255 21.84 16.04 -19.23
N GLY B 256 22.42 16.97 -19.99
CA GLY B 256 23.80 17.36 -19.76
C GLY B 256 24.74 16.50 -20.56
N LYS B 257 25.87 16.15 -19.93
CA LYS B 257 26.99 15.44 -20.56
C LYS B 257 26.83 13.91 -20.67
N VAL B 258 25.71 13.46 -21.21
CA VAL B 258 25.47 12.03 -21.45
C VAL B 258 25.39 11.79 -22.98
N LYS B 259 25.64 10.57 -23.40
CA LYS B 259 25.57 10.20 -24.81
C LYS B 259 24.11 10.11 -25.28
N LYS B 260 23.19 9.69 -24.41
CA LYS B 260 21.79 9.53 -24.81
C LYS B 260 20.85 10.34 -23.92
N PRO B 261 20.85 11.70 -24.02
CA PRO B 261 19.92 12.46 -23.18
C PRO B 261 18.46 12.19 -23.56
N GLY B 262 17.60 12.12 -22.55
CA GLY B 262 16.18 11.87 -22.77
C GLY B 262 15.48 11.38 -21.52
N VAL B 263 14.29 10.82 -21.70
CA VAL B 263 13.46 10.33 -20.58
C VAL B 263 13.52 8.80 -20.53
N TYR B 264 13.81 8.27 -19.34
CA TYR B 264 13.90 6.85 -19.09
C TYR B 264 12.85 6.39 -18.10
N GLU B 265 12.05 5.36 -18.48
CA GLU B 265 11.06 4.82 -17.56
C GLU B 265 11.70 3.59 -16.96
N LEU B 266 11.98 3.68 -15.66
CA LEU B 266 12.72 2.66 -14.93
C LEU B 266 12.12 2.38 -13.55
N PRO B 267 12.36 1.19 -12.95
CA PRO B 267 11.89 0.97 -11.56
C PRO B 267 12.84 1.74 -10.61
N MET B 268 12.39 2.06 -9.38
CA MET B 268 13.14 2.91 -8.45
C MET B 268 14.28 2.20 -7.70
N ASN B 269 14.51 0.91 -7.94
CA ASN B 269 15.67 0.22 -7.38
C ASN B 269 16.91 0.46 -8.27
N THR B 270 16.73 1.09 -9.45
CA THR B 270 17.86 1.46 -10.35
C THR B 270 18.71 2.47 -9.57
N THR B 271 20.04 2.40 -9.74
CA THR B 271 20.93 3.34 -9.08
C THR B 271 21.19 4.51 -10.02
N LEU B 272 21.71 5.60 -9.47
CA LEU B 272 22.09 6.79 -10.26
C LEU B 272 23.17 6.39 -11.29
N ARG B 273 24.14 5.55 -10.86
CA ARG B 273 25.20 5.04 -11.75
C ARG B 273 24.59 4.31 -12.94
N GLU B 274 23.62 3.42 -12.69
CA GLU B 274 22.94 2.69 -13.76
C GLU B 274 22.19 3.62 -14.71
N VAL B 275 21.49 4.64 -14.19
CA VAL B 275 20.76 5.61 -15.03
C VAL B 275 21.74 6.20 -16.07
N ILE B 276 22.89 6.72 -15.59
CA ILE B 276 23.89 7.37 -16.43
C ILE B 276 24.59 6.40 -17.37
N PHE B 277 25.17 5.31 -16.83
CA PHE B 277 26.02 4.40 -17.60
C PHE B 277 25.32 3.23 -18.29
N LYS B 278 24.33 2.62 -17.66
CA LYS B 278 23.64 1.49 -18.27
C LYS B 278 22.57 1.97 -19.26
N TYR B 279 21.83 3.03 -18.92
CA TYR B 279 20.73 3.50 -19.76
C TYR B 279 21.05 4.72 -20.62
N ALA B 280 21.60 5.80 -20.04
CA ALA B 280 21.88 7.02 -20.83
C ALA B 280 23.18 6.96 -21.68
N GLY B 281 23.77 5.77 -21.76
CA GLY B 281 24.95 5.47 -22.56
C GLY B 281 26.29 6.01 -22.08
N GLY B 282 26.37 6.39 -20.80
CA GLY B 282 27.62 6.94 -20.28
C GLY B 282 27.80 8.40 -20.62
N THR B 283 29.01 8.94 -20.45
CA THR B 283 29.27 10.37 -20.65
C THR B 283 29.83 10.73 -22.02
N LEU B 284 29.62 12.01 -22.44
CA LEU B 284 30.18 12.53 -23.69
C LEU B 284 31.70 12.49 -23.60
N GLY B 285 32.33 11.93 -24.62
CA GLY B 285 33.79 11.76 -24.67
C GLY B 285 34.34 10.84 -23.61
N ASN B 286 33.46 10.05 -22.91
CA ASN B 286 33.84 9.15 -21.82
C ASN B 286 34.61 9.86 -20.67
N LYS B 287 34.28 11.15 -20.43
CA LYS B 287 34.88 11.97 -19.38
C LYS B 287 34.34 11.52 -18.03
N LYS B 288 35.10 11.73 -16.95
CA LYS B 288 34.64 11.33 -15.62
C LYS B 288 33.48 12.21 -15.17
N VAL B 289 32.48 11.62 -14.47
CA VAL B 289 31.37 12.37 -13.88
C VAL B 289 31.95 13.21 -12.74
N LYS B 290 31.65 14.51 -12.71
CA LYS B 290 32.08 15.39 -11.62
C LYS B 290 30.90 15.54 -10.65
N ALA B 291 29.71 15.86 -11.18
CA ALA B 291 28.54 16.08 -10.33
C ALA B 291 27.25 15.78 -11.07
N VAL B 292 26.19 15.53 -10.31
CA VAL B 292 24.84 15.35 -10.83
C VAL B 292 23.99 16.38 -10.11
N PHE B 293 23.32 17.24 -10.90
CA PHE B 293 22.41 18.22 -10.31
C PHE B 293 21.02 17.62 -10.44
N SER B 294 20.33 17.49 -9.30
CA SER B 294 18.97 17.01 -9.23
C SER B 294 18.14 18.28 -9.37
N GLY B 295 17.92 18.71 -10.61
CA GLY B 295 17.26 19.97 -10.90
C GLY B 295 18.10 21.10 -10.31
N ALA B 296 17.41 22.05 -9.64
CA ALA B 296 18.05 23.16 -8.93
C ALA B 296 18.00 22.87 -7.42
N LEU B 297 17.73 21.61 -7.03
CA LEU B 297 17.54 21.19 -5.64
C LEU B 297 18.79 20.65 -4.94
N ASP B 298 19.47 19.67 -5.55
CA ASP B 298 20.63 19.03 -4.92
C ASP B 298 21.77 18.85 -5.88
N CYS B 299 22.95 18.70 -5.31
CA CYS B 299 24.17 18.41 -6.03
C CYS B 299 24.74 17.12 -5.43
N PHE B 300 24.86 16.07 -6.25
CA PHE B 300 25.46 14.79 -5.85
C PHE B 300 26.84 14.69 -6.50
N SER B 301 27.88 14.31 -5.73
CA SER B 301 29.22 14.14 -6.29
C SER B 301 29.37 12.73 -6.92
N SER B 302 30.50 12.49 -7.60
CA SER B 302 30.84 11.18 -8.22
C SER B 302 31.00 10.04 -7.17
N GLU B 303 31.08 10.40 -5.86
CA GLU B 303 31.20 9.45 -4.75
C GLU B 303 29.80 8.98 -4.29
N GLU B 304 28.76 9.61 -4.83
CA GLU B 304 27.38 9.32 -4.44
C GLU B 304 26.52 8.73 -5.58
N LEU B 305 27.16 8.01 -6.54
CA LEU B 305 26.44 7.44 -7.68
C LEU B 305 25.76 6.10 -7.40
N ASP B 306 26.16 5.41 -6.33
CA ASP B 306 25.60 4.08 -6.02
C ASP B 306 24.34 4.14 -5.15
N ILE B 307 23.60 5.24 -5.24
CA ILE B 307 22.38 5.41 -4.47
C ILE B 307 21.16 5.01 -5.28
N PRO B 308 20.10 4.46 -4.63
CA PRO B 308 18.90 4.11 -5.40
C PRO B 308 18.11 5.36 -5.79
N MET B 309 17.36 5.27 -6.91
CA MET B 309 16.57 6.37 -7.43
C MET B 309 15.15 6.35 -6.80
N ASP B 310 15.06 6.15 -5.48
CA ASP B 310 13.77 6.03 -4.77
C ASP B 310 13.52 7.15 -3.76
N TYR B 311 12.39 7.05 -3.03
CA TYR B 311 11.99 8.03 -2.00
C TYR B 311 12.41 7.62 -0.57
N SER B 312 13.43 6.74 -0.45
CA SER B 312 13.98 6.32 0.84
C SER B 312 14.86 7.47 1.41
N PRO B 313 15.15 7.54 2.75
CA PRO B 313 15.97 8.66 3.27
C PRO B 313 17.32 8.88 2.58
N LEU B 314 17.96 7.80 2.07
CA LEU B 314 19.24 7.91 1.38
C LEU B 314 19.15 7.77 -0.16
N GLY B 315 17.91 7.73 -0.68
CA GLY B 315 17.65 7.66 -2.11
C GLY B 315 17.80 9.01 -2.79
N PHE B 316 17.81 9.03 -4.13
CA PHE B 316 17.95 10.26 -4.91
C PHE B 316 16.73 11.18 -4.69
N GLY B 317 15.53 10.60 -4.67
CA GLY B 317 14.27 11.31 -4.47
C GLY B 317 14.02 12.40 -5.49
N GLY B 318 13.36 13.48 -5.04
CA GLY B 318 12.98 14.61 -5.88
C GLY B 318 12.12 14.18 -7.07
N THR B 319 12.32 14.85 -8.19
CA THR B 319 11.58 14.58 -9.44
C THR B 319 12.25 13.47 -10.31
N GLY B 320 13.40 12.98 -9.86
CA GLY B 320 14.19 12.02 -10.64
C GLY B 320 15.02 12.70 -11.72
N THR B 321 15.16 14.05 -11.67
CA THR B 321 15.91 14.87 -12.63
C THR B 321 17.40 14.63 -12.50
N VAL B 322 18.06 14.23 -13.60
CA VAL B 322 19.50 13.94 -13.62
C VAL B 322 20.22 14.84 -14.63
N ILE B 323 20.90 15.89 -14.15
CA ILE B 323 21.72 16.79 -14.99
C ILE B 323 23.17 16.37 -14.74
N VAL B 324 23.84 15.84 -15.77
CA VAL B 324 25.21 15.35 -15.62
C VAL B 324 26.26 16.39 -15.99
N LEU B 325 27.19 16.64 -15.07
CA LEU B 325 28.35 17.52 -15.29
C LEU B 325 29.58 16.64 -15.24
N THR B 326 30.51 16.87 -16.18
CA THR B 326 31.74 16.11 -16.23
C THR B 326 32.94 16.96 -15.74
N GLU B 327 34.12 16.32 -15.65
CA GLU B 327 35.40 16.85 -15.14
C GLU B 327 35.81 18.24 -15.67
N GLU B 328 35.40 18.57 -16.90
CA GLU B 328 35.69 19.82 -17.59
C GLU B 328 34.78 20.98 -17.13
N ASP B 329 33.61 20.66 -16.56
CA ASP B 329 32.61 21.66 -16.15
C ASP B 329 32.98 22.36 -14.85
N ASP B 330 33.05 23.70 -14.89
CA ASP B 330 33.38 24.54 -13.75
C ASP B 330 32.19 24.56 -12.77
N ILE B 331 32.39 24.08 -11.53
CA ILE B 331 31.31 23.99 -10.52
C ILE B 331 30.77 25.38 -10.08
N VAL B 332 31.65 26.38 -10.05
CA VAL B 332 31.33 27.76 -9.64
C VAL B 332 30.45 28.41 -10.71
N GLU B 333 30.78 28.23 -12.00
CA GLU B 333 29.97 28.72 -13.12
C GLU B 333 28.59 28.04 -13.11
N ALA B 334 28.55 26.73 -12.77
CA ALA B 334 27.29 25.97 -12.70
C ALA B 334 26.45 26.47 -11.51
N ALA B 335 27.10 26.74 -10.36
CA ALA B 335 26.45 27.29 -9.16
C ALA B 335 25.87 28.68 -9.49
N LEU B 336 26.58 29.51 -10.32
CA LEU B 336 26.09 30.83 -10.73
C LEU B 336 24.77 30.70 -11.51
N LYS B 337 24.68 29.73 -12.43
CA LYS B 337 23.45 29.48 -13.19
C LYS B 337 22.28 29.12 -12.25
N ILE B 338 22.55 28.33 -11.19
CA ILE B 338 21.52 27.98 -10.21
C ILE B 338 21.08 29.22 -9.43
N ALA B 339 22.06 30.07 -9.01
CA ALA B 339 21.80 31.31 -8.27
C ALA B 339 20.95 32.25 -9.14
N GLU B 340 21.30 32.37 -10.45
CA GLU B 340 20.53 33.21 -11.39
C GLU B 340 19.10 32.73 -11.52
N PHE B 341 18.88 31.40 -11.49
CA PHE B 341 17.52 30.84 -11.56
C PHE B 341 16.67 31.30 -10.36
N TYR B 342 17.18 31.14 -9.12
CA TYR B 342 16.42 31.56 -7.92
C TYR B 342 16.19 33.08 -7.87
N GLU B 343 17.18 33.87 -8.31
CA GLU B 343 17.07 35.33 -8.42
C GLU B 343 15.86 35.74 -9.28
N HIS B 344 15.71 35.07 -10.44
CA HIS B 344 14.65 35.33 -11.41
CA HIS B 344 14.64 35.43 -11.34
C HIS B 344 13.29 34.81 -10.98
N GLU B 345 13.25 33.79 -10.10
CA GLU B 345 11.97 33.14 -9.76
C GLU B 345 11.35 33.44 -8.39
N THR B 346 12.10 33.98 -7.43
CA THR B 346 11.48 34.36 -6.15
C THR B 346 10.26 35.28 -6.39
N CYS B 347 9.12 35.01 -5.73
CA CYS B 347 7.92 35.86 -5.91
C CYS B 347 8.05 37.18 -5.14
N GLY B 348 8.99 37.25 -4.21
CA GLY B 348 9.30 38.45 -3.45
C GLY B 348 8.43 38.75 -2.24
N GLN B 349 7.51 37.85 -1.87
CA GLN B 349 6.63 38.08 -0.68
C GLN B 349 7.41 38.14 0.65
N CYS B 350 8.42 37.28 0.80
CA CYS B 350 9.21 37.11 2.02
C CYS B 350 10.54 37.88 1.83
N THR B 351 10.91 38.72 2.80
CA THR B 351 12.10 39.59 2.69
C THR B 351 13.41 38.80 2.56
N PRO B 352 13.77 37.82 3.44
CA PRO B 352 15.06 37.10 3.24
C PRO B 352 15.13 36.35 1.91
N CYS B 353 14.00 35.81 1.42
CA CYS B 353 13.99 35.15 0.10
C CYS B 353 14.16 36.21 -1.02
N ARG B 354 13.34 37.30 -0.99
CA ARG B 354 13.42 38.39 -1.97
C ARG B 354 14.84 38.96 -2.10
N VAL B 355 15.42 39.38 -0.98
CA VAL B 355 16.74 40.02 -0.97
C VAL B 355 17.86 38.98 -1.09
N GLY B 356 17.73 37.82 -0.42
CA GLY B 356 18.73 36.75 -0.41
C GLY B 356 18.94 36.09 -1.77
N CYS B 357 17.85 35.82 -2.52
CA CYS B 357 18.00 35.23 -3.87
C CYS B 357 18.73 36.21 -4.78
N TYR B 358 18.38 37.50 -4.67
CA TYR B 358 19.02 38.54 -5.48
C TYR B 358 20.52 38.65 -5.09
N GLU B 359 20.82 38.79 -3.78
CA GLU B 359 22.20 38.96 -3.33
C GLU B 359 23.07 37.76 -3.58
N GLN B 360 22.52 36.55 -3.45
CA GLN B 360 23.29 35.33 -3.72
C GLN B 360 23.80 35.34 -5.18
N ALA B 361 22.94 35.70 -6.14
CA ALA B 361 23.34 35.73 -7.55
C ALA B 361 24.27 36.92 -7.85
N ASN B 362 23.98 38.11 -7.28
CA ASN B 362 24.78 39.33 -7.47
C ASN B 362 26.22 39.12 -6.98
N LEU B 363 26.37 38.58 -5.76
CA LEU B 363 27.69 38.35 -5.17
C LEU B 363 28.42 37.19 -5.85
N LEU B 364 27.71 36.10 -6.20
CA LEU B 364 28.34 34.96 -6.89
C LEU B 364 28.87 35.40 -8.27
N GLU B 365 28.16 36.30 -8.95
CA GLU B 365 28.62 36.85 -10.22
C GLU B 365 29.95 37.64 -10.02
N LYS B 366 30.05 38.45 -8.93
CA LYS B 366 31.28 39.19 -8.59
C LYS B 366 32.43 38.21 -8.35
N ILE B 367 32.13 37.09 -7.63
CA ILE B 367 33.10 36.03 -7.29
C ILE B 367 33.61 35.37 -8.61
N TYR B 368 32.67 34.95 -9.48
CA TYR B 368 32.96 34.30 -10.74
C TYR B 368 33.86 35.16 -11.65
N LYS B 369 33.62 36.49 -11.68
CA LYS B 369 34.40 37.42 -12.50
C LYS B 369 35.72 37.88 -11.82
N GLY B 370 35.99 37.41 -10.60
CA GLY B 370 37.19 37.77 -9.85
C GLY B 370 37.21 39.21 -9.36
N GLU B 371 36.01 39.79 -9.14
CA GLU B 371 35.81 41.18 -8.70
C GLU B 371 35.31 41.29 -7.25
N ALA B 372 35.17 40.17 -6.55
CA ALA B 372 34.64 40.15 -5.18
C ALA B 372 35.67 40.58 -4.16
N THR B 373 35.26 41.43 -3.21
CA THR B 373 36.13 41.87 -2.10
C THR B 373 36.04 40.78 -1.01
N GLU B 374 36.84 40.91 0.07
CA GLU B 374 36.73 39.99 1.20
C GLU B 374 35.32 40.06 1.82
N GLN B 375 34.73 41.28 1.86
CA GLN B 375 33.39 41.52 2.41
C GLN B 375 32.32 40.84 1.56
N ASP B 376 32.50 40.83 0.23
CA ASP B 376 31.59 40.18 -0.71
C ASP B 376 31.60 38.67 -0.48
N TRP B 377 32.78 38.07 -0.24
CA TRP B 377 32.94 36.65 0.06
C TRP B 377 32.20 36.28 1.37
N GLU B 378 32.43 37.05 2.43
CA GLU B 378 31.76 36.85 3.74
C GLU B 378 30.25 37.07 3.61
N GLY B 379 29.87 38.10 2.84
CA GLY B 379 28.47 38.43 2.54
C GLY B 379 27.78 37.32 1.78
N PHE B 380 28.47 36.72 0.79
CA PHE B 380 27.92 35.61 -0.01
C PHE B 380 27.65 34.40 0.89
N ASP B 381 28.62 34.05 1.77
CA ASP B 381 28.49 32.94 2.71
C ASP B 381 27.28 33.18 3.65
N PHE B 382 27.17 34.39 4.21
CA PHE B 382 26.06 34.76 5.09
C PHE B 382 24.70 34.70 4.39
N VAL B 383 24.59 35.32 3.19
CA VAL B 383 23.34 35.34 2.41
C VAL B 383 22.88 33.92 2.08
N ASN B 384 23.81 33.06 1.59
CA ASN B 384 23.50 31.67 1.26
C ASN B 384 22.84 30.92 2.43
N ARG B 385 23.30 31.17 3.64
CA ARG B 385 22.79 30.54 4.85
C ARG B 385 21.51 31.23 5.36
N ASN B 386 21.12 32.39 4.78
CA ASN B 386 20.02 33.16 5.32
C ASN B 386 18.92 33.58 4.33
N ILE B 387 18.60 32.72 3.37
CA ILE B 387 17.49 32.95 2.42
C ILE B 387 16.19 32.40 3.02
N GLN B 388 16.28 31.24 3.69
CA GLN B 388 15.15 30.50 4.29
C GLN B 388 14.41 31.24 5.42
N PRO B 389 15.02 31.98 6.38
CA PRO B 389 14.21 32.52 7.49
C PRO B 389 12.94 33.26 7.07
N THR B 390 11.82 32.94 7.75
CA THR B 390 10.44 33.50 7.55
C THR B 390 9.80 33.03 6.22
N SER B 391 10.51 32.26 5.37
CA SER B 391 9.97 31.78 4.07
C SER B 391 8.67 31.01 4.25
N ILE B 392 7.72 31.23 3.37
CA ILE B 392 6.44 30.51 3.51
C ILE B 392 6.28 29.44 2.43
N CYS B 393 7.31 29.22 1.60
CA CYS B 393 7.22 28.15 0.62
C CYS B 393 8.59 27.47 0.43
N GLY B 394 8.61 26.35 -0.31
CA GLY B 394 9.79 25.55 -0.56
C GLY B 394 10.90 26.23 -1.35
N LEU B 395 10.58 27.27 -2.14
CA LEU B 395 11.62 27.99 -2.90
C LEU B 395 12.67 28.67 -1.96
N GLY B 396 12.19 29.45 -0.99
CA GLY B 396 13.06 30.14 -0.03
C GLY B 396 13.83 29.15 0.82
N ALA B 397 13.21 27.99 1.13
CA ALA B 397 13.84 26.93 1.91
C ALA B 397 14.99 26.24 1.19
N VAL B 398 15.00 26.21 -0.17
CA VAL B 398 16.06 25.49 -0.90
C VAL B 398 16.91 26.36 -1.81
N ALA B 399 16.62 27.68 -1.92
CA ALA B 399 17.38 28.56 -2.83
C ALA B 399 18.91 28.53 -2.58
N GLY B 400 19.33 28.22 -1.36
CA GLY B 400 20.76 28.13 -1.05
C GLY B 400 21.30 26.71 -0.93
N ARG B 401 20.44 25.68 -1.04
CA ARG B 401 20.76 24.26 -0.80
C ARG B 401 21.81 23.66 -1.74
N LEU B 402 21.55 23.66 -3.06
CA LEU B 402 22.49 23.12 -4.04
C LEU B 402 23.85 23.84 -3.95
N ILE B 403 23.85 25.18 -3.92
CA ILE B 403 25.07 26.00 -3.85
C ILE B 403 25.92 25.66 -2.61
N ARG B 404 25.27 25.52 -1.44
CA ARG B 404 25.94 25.15 -0.18
C ARG B 404 26.56 23.76 -0.34
N GLN B 405 25.85 22.83 -1.00
CA GLN B 405 26.38 21.48 -1.27
C GLN B 405 27.62 21.51 -2.17
N THR B 406 27.68 22.44 -3.16
CA THR B 406 28.90 22.57 -4.00
C THR B 406 30.07 23.13 -3.14
N LEU B 407 29.77 24.01 -2.16
CA LEU B 407 30.80 24.59 -1.28
C LEU B 407 31.40 23.51 -0.37
N GLU B 408 30.55 22.56 0.06
CA GLU B 408 30.97 21.46 0.93
C GLU B 408 31.64 20.34 0.14
N LYS B 409 31.15 20.03 -1.07
CA LYS B 409 31.67 18.91 -1.86
C LYS B 409 32.82 19.27 -2.81
N PHE B 410 32.95 20.56 -3.18
CA PHE B 410 34.06 20.97 -4.06
C PHE B 410 34.85 22.15 -3.44
N PRO B 411 35.40 22.00 -2.21
CA PRO B 411 36.14 23.11 -1.58
C PRO B 411 37.32 23.64 -2.37
N GLU B 412 38.09 22.74 -3.01
CA GLU B 412 39.29 23.05 -3.82
C GLU B 412 38.96 23.99 -4.99
N GLU B 413 37.86 23.71 -5.73
CA GLU B 413 37.42 24.54 -6.85
C GLU B 413 36.98 25.94 -6.38
N TRP B 414 36.22 26.01 -5.28
CA TRP B 414 35.80 27.29 -4.69
C TRP B 414 37.01 28.09 -4.19
N GLU B 415 37.97 27.40 -3.55
CA GLU B 415 39.21 28.01 -3.04
C GLU B 415 40.03 28.69 -4.13
N LYS B 416 40.04 28.13 -5.35
CA LYS B 416 40.71 28.68 -6.53
C LYS B 416 40.12 30.09 -6.85
N TYR B 417 38.79 30.24 -6.75
CA TYR B 417 38.13 31.52 -6.96
C TYR B 417 38.45 32.56 -5.85
N ARG B 418 38.65 32.12 -4.59
CA ARG B 418 39.03 32.99 -3.47
C ARG B 418 40.36 33.71 -3.72
N LYS B 419 41.31 33.00 -4.34
CA LYS B 419 42.64 33.50 -4.68
C LYS B 419 42.65 34.35 -5.98
N LYS B 420 41.71 34.06 -6.93
CA LYS B 420 41.55 34.73 -8.22
C LYS B 420 41.49 36.28 -8.12
N PHE C 6 19.13 -29.59 40.12
CA PHE C 6 18.14 -30.32 39.32
C PHE C 6 18.79 -30.92 38.08
N GLU C 7 18.50 -32.20 37.83
CA GLU C 7 18.94 -32.98 36.68
C GLU C 7 17.76 -33.77 36.15
N PHE C 8 17.54 -33.73 34.83
CA PHE C 8 16.45 -34.48 34.20
C PHE C 8 16.78 -35.98 34.24
N PRO C 9 15.80 -36.88 34.53
CA PRO C 9 16.10 -38.32 34.48
C PRO C 9 16.41 -38.69 33.02
N GLU C 10 17.29 -39.68 32.80
CA GLU C 10 17.74 -40.10 31.46
C GLU C 10 16.60 -40.28 30.45
N GLU C 11 15.50 -40.95 30.85
CA GLU C 11 14.32 -41.20 30.00
C GLU C 11 13.69 -39.89 29.46
N LEU C 12 13.63 -38.84 30.29
CA LEU C 12 13.10 -37.54 29.92
C LEU C 12 14.12 -36.76 29.09
N LYS C 13 15.40 -36.73 29.54
CA LYS C 13 16.51 -36.03 28.89
C LYS C 13 16.69 -36.44 27.42
N THR C 14 16.57 -37.75 27.11
CA THR C 14 16.70 -38.28 25.74
C THR C 14 15.55 -37.79 24.86
N LYS C 15 14.31 -37.73 25.40
CA LYS C 15 13.13 -37.21 24.69
C LYS C 15 13.30 -35.72 24.39
N LEU C 16 13.82 -34.94 25.37
CA LEU C 16 14.10 -33.50 25.18
C LEU C 16 15.15 -33.31 24.09
N GLN C 17 16.20 -34.16 24.09
CA GLN C 17 17.28 -34.13 23.08
C GLN C 17 16.72 -34.41 21.69
N GLU C 18 15.76 -35.35 21.58
CA GLU C 18 15.08 -35.66 20.31
C GLU C 18 14.38 -34.43 19.75
N HIS C 19 13.64 -33.66 20.61
CA HIS C 19 12.95 -32.43 20.18
C HIS C 19 13.95 -31.37 19.73
N ILE C 20 15.04 -31.21 20.50
CA ILE C 20 16.12 -30.26 20.25
C ILE C 20 16.81 -30.56 18.91
N ASN C 21 16.99 -31.85 18.55
CA ASN C 21 17.63 -32.24 17.28
C ASN C 21 16.70 -32.23 16.07
N TYR C 22 15.38 -32.19 16.32
CA TYR C 22 14.34 -32.22 15.30
C TYR C 22 14.28 -30.97 14.39
N PHE C 23 14.23 -29.76 14.97
CA PHE C 23 14.17 -28.52 14.19
C PHE C 23 15.57 -28.06 13.71
N PRO C 24 15.67 -27.26 12.62
CA PRO C 24 17.01 -26.76 12.20
C PRO C 24 17.77 -25.95 13.29
N LYS C 25 17.05 -25.25 14.20
CA LYS C 25 17.71 -24.50 15.29
C LYS C 25 17.17 -25.01 16.64
N LYS C 26 18.07 -25.18 17.64
CA LYS C 26 17.76 -25.70 18.98
C LYS C 26 16.62 -24.97 19.70
N ARG C 27 16.63 -23.62 19.70
CA ARG C 27 15.63 -22.79 20.39
C ARG C 27 14.19 -22.98 19.90
N GLN C 28 13.99 -23.48 18.67
CA GLN C 28 12.65 -23.74 18.12
C GLN C 28 11.92 -24.86 18.87
N ALA C 29 12.67 -25.74 19.56
CA ALA C 29 12.13 -26.88 20.31
C ALA C 29 11.57 -26.52 21.70
N ILE C 30 11.67 -25.22 22.14
CA ILE C 30 11.28 -24.77 23.48
C ILE C 30 9.86 -25.23 23.91
N LEU C 31 8.84 -25.06 23.05
CA LEU C 31 7.46 -25.45 23.39
C LEU C 31 7.28 -26.96 23.49
N LEU C 32 7.90 -27.71 22.56
CA LEU C 32 7.86 -29.18 22.59
C LEU C 32 8.50 -29.71 23.86
N CYS C 33 9.63 -29.10 24.29
CA CYS C 33 10.37 -29.47 25.51
C CYS C 33 9.54 -29.20 26.75
N LEU C 34 8.89 -28.02 26.83
CA LEU C 34 8.04 -27.66 27.98
C LEU C 34 6.80 -28.56 28.07
N HIS C 35 6.20 -28.90 26.89
CA HIS C 35 5.08 -29.86 26.85
C HIS C 35 5.54 -31.20 27.43
N GLU C 36 6.75 -31.67 27.05
CA GLU C 36 7.36 -32.93 27.52
C GLU C 36 7.62 -32.91 29.04
N ILE C 37 8.15 -31.78 29.56
CA ILE C 37 8.45 -31.60 31.00
C ILE C 37 7.14 -31.68 31.80
N GLN C 38 6.08 -30.99 31.34
CA GLN C 38 4.78 -31.00 32.01
C GLN C 38 4.14 -32.39 32.00
N ASN C 39 4.22 -33.09 30.87
CA ASN C 39 3.68 -34.44 30.74
C ASN C 39 4.35 -35.39 31.77
N TYR C 40 5.67 -35.26 31.93
CA TYR C 40 6.47 -36.08 32.83
C TYR C 40 6.22 -35.81 34.31
N TYR C 41 6.22 -34.52 34.75
CA TYR C 41 6.07 -34.16 36.17
C TYR C 41 4.66 -33.83 36.64
N GLY C 42 3.76 -33.54 35.71
CA GLY C 42 2.41 -33.13 36.07
C GLY C 42 2.29 -31.62 36.25
N TYR C 43 3.37 -30.89 35.92
CA TYR C 43 3.55 -29.42 35.99
C TYR C 43 4.98 -29.09 35.54
N ILE C 44 5.32 -27.79 35.50
CA ILE C 44 6.66 -27.34 35.14
C ILE C 44 7.37 -27.02 36.45
N PRO C 45 8.32 -27.86 36.92
CA PRO C 45 9.03 -27.51 38.15
C PRO C 45 9.90 -26.28 37.89
N PRO C 46 9.78 -25.20 38.71
CA PRO C 46 10.64 -24.01 38.49
C PRO C 46 12.14 -24.32 38.39
N GLU C 47 12.62 -25.38 39.09
CA GLU C 47 14.02 -25.83 39.05
C GLU C 47 14.39 -26.46 37.70
N SER C 48 13.41 -26.84 36.86
CA SER C 48 13.67 -27.48 35.57
C SER C 48 14.03 -26.47 34.47
N LEU C 49 13.78 -25.17 34.71
CA LEU C 49 13.99 -24.12 33.71
C LEU C 49 15.47 -23.85 33.39
N LYS C 50 16.34 -23.83 34.42
CA LYS C 50 17.78 -23.61 34.21
C LYS C 50 18.41 -24.77 33.37
N PRO C 51 18.28 -26.08 33.73
CA PRO C 51 18.85 -27.13 32.85
C PRO C 51 18.25 -27.16 31.43
N LEU C 52 16.97 -26.77 31.27
CA LEU C 52 16.35 -26.73 29.94
C LEU C 52 16.97 -25.57 29.12
N ALA C 53 17.09 -24.37 29.73
CA ALA C 53 17.71 -23.18 29.12
C ALA C 53 19.13 -23.51 28.62
N ASP C 54 19.89 -24.32 29.42
CA ASP C 54 21.24 -24.77 29.07
C ASP C 54 21.21 -25.66 27.82
N MET C 55 20.25 -26.57 27.73
CA MET C 55 20.07 -27.50 26.60
C MET C 55 19.64 -26.77 25.31
N LEU C 56 18.85 -25.69 25.45
CA LEU C 56 18.36 -24.90 24.31
C LEU C 56 19.35 -23.78 23.92
N GLU C 57 20.38 -23.55 24.78
CA GLU C 57 21.42 -22.51 24.65
C GLU C 57 20.75 -21.11 24.65
N LEU C 58 19.86 -20.90 25.63
CA LEU C 58 19.09 -19.67 25.81
C LEU C 58 19.28 -19.14 27.22
N PRO C 59 19.15 -17.80 27.43
CA PRO C 59 19.23 -17.28 28.81
C PRO C 59 18.01 -17.75 29.60
N LEU C 60 18.18 -17.94 30.91
CA LEU C 60 17.10 -18.38 31.81
C LEU C 60 15.87 -17.47 31.75
N ASN C 61 16.06 -16.13 31.69
CA ASN C 61 14.93 -15.18 31.65
C ASN C 61 14.08 -15.30 30.38
N HIS C 62 14.70 -15.73 29.24
CA HIS C 62 13.98 -16.00 27.99
C HIS C 62 13.01 -17.19 28.23
N VAL C 63 13.51 -18.28 28.83
CA VAL C 63 12.71 -19.49 29.15
C VAL C 63 11.59 -19.16 30.13
N GLU C 64 11.90 -18.35 31.18
CA GLU C 64 10.93 -17.90 32.19
C GLU C 64 9.79 -17.09 31.55
N GLY C 65 10.13 -16.19 30.62
CA GLY C 65 9.18 -15.36 29.91
C GLY C 65 8.25 -16.18 29.03
N VAL C 66 8.80 -17.26 28.42
CA VAL C 66 8.06 -18.19 27.57
C VAL C 66 7.05 -18.98 28.42
N VAL C 67 7.49 -19.56 29.55
CA VAL C 67 6.59 -20.31 30.45
C VAL C 67 5.42 -19.42 30.93
N ALA C 68 5.72 -18.16 31.33
CA ALA C 68 4.72 -17.20 31.80
C ALA C 68 3.69 -16.84 30.73
N PHE C 69 4.12 -16.74 29.47
CA PHE C 69 3.26 -16.36 28.36
C PHE C 69 2.25 -17.44 27.96
N TYR C 70 2.69 -18.71 27.83
CA TYR C 70 1.85 -19.78 27.29
C TYR C 70 0.99 -20.43 28.35
N ASP C 71 -0.34 -20.28 28.18
CA ASP C 71 -1.39 -20.68 29.13
C ASP C 71 -1.46 -22.16 29.48
N MET C 72 -1.00 -23.06 28.59
CA MET C 72 -1.05 -24.49 28.88
C MET C 72 -0.07 -24.89 30.00
N PHE C 73 1.04 -24.14 30.14
CA PHE C 73 2.11 -24.41 31.13
C PHE C 73 1.75 -23.94 32.53
N ASP C 74 1.89 -24.84 33.51
CA ASP C 74 1.56 -24.60 34.90
C ASP C 74 2.78 -24.86 35.78
N ARG C 75 3.29 -23.80 36.44
CA ARG C 75 4.46 -23.89 37.34
C ARG C 75 4.08 -24.05 38.81
N GLU C 76 2.78 -23.97 39.13
CA GLU C 76 2.31 -23.99 40.52
C GLU C 76 1.66 -25.30 41.01
N ASP C 77 0.75 -25.90 40.23
CA ASP C 77 0.04 -27.10 40.67
C ASP C 77 0.40 -28.37 39.91
N LYS C 78 0.77 -29.43 40.65
CA LYS C 78 1.08 -30.75 40.11
C LYS C 78 -0.26 -31.49 39.99
N ALA C 79 -0.59 -31.99 38.78
CA ALA C 79 -1.83 -32.74 38.52
C ALA C 79 -1.56 -33.89 37.55
N LYS C 80 -2.06 -35.10 37.86
CA LYS C 80 -1.88 -36.25 36.96
C LYS C 80 -2.74 -36.05 35.70
N TYR C 81 -3.98 -35.57 35.87
CA TYR C 81 -4.92 -35.33 34.78
C TYR C 81 -5.48 -33.94 34.81
N ARG C 82 -5.29 -33.21 33.71
CA ARG C 82 -5.84 -31.88 33.56
C ARG C 82 -7.17 -31.95 32.81
N ILE C 83 -8.25 -31.56 33.49
CA ILE C 83 -9.58 -31.52 32.89
C ILE C 83 -9.77 -30.11 32.34
N ARG C 84 -9.51 -29.94 31.03
CA ARG C 84 -9.63 -28.65 30.38
C ARG C 84 -11.09 -28.48 29.96
N VAL C 85 -11.78 -27.50 30.57
CA VAL C 85 -13.19 -27.23 30.31
C VAL C 85 -13.32 -25.95 29.53
N CYS C 86 -13.91 -26.03 28.34
CA CYS C 86 -14.12 -24.85 27.54
C CYS C 86 -15.17 -23.92 28.17
N VAL C 87 -14.82 -22.65 28.36
CA VAL C 87 -15.70 -21.64 28.94
C VAL C 87 -16.05 -20.56 27.91
N SER C 88 -15.75 -20.77 26.62
CA SER C 88 -16.06 -19.80 25.55
C SER C 88 -17.54 -19.83 25.17
N ILE C 89 -17.93 -18.94 24.26
CA ILE C 89 -19.30 -18.60 23.85
C ILE C 89 -20.20 -19.82 23.49
N VAL C 90 -19.76 -20.72 22.61
CA VAL C 90 -20.62 -21.83 22.19
C VAL C 90 -20.87 -22.81 23.32
N CYS C 91 -19.81 -23.25 23.98
CA CYS C 91 -19.95 -24.19 25.10
C CYS C 91 -20.77 -23.58 26.23
N HIS C 92 -20.57 -22.27 26.51
CA HIS C 92 -21.37 -21.54 27.52
C HIS C 92 -22.88 -21.64 27.18
N LEU C 93 -23.22 -21.34 25.91
CA LEU C 93 -24.59 -21.38 25.38
C LEU C 93 -25.19 -22.80 25.46
N MET C 94 -24.36 -23.83 25.20
CA MET C 94 -24.79 -25.22 25.11
C MET C 94 -24.71 -26.03 26.41
N GLY C 95 -24.14 -25.49 27.48
CA GLY C 95 -24.14 -26.18 28.77
C GLY C 95 -22.87 -26.35 29.57
N THR C 96 -21.87 -25.43 29.45
CA THR C 96 -20.64 -25.48 30.28
C THR C 96 -20.98 -25.57 31.80
N ASN C 97 -21.95 -24.78 32.27
CA ASN C 97 -22.35 -24.78 33.69
C ASN C 97 -22.83 -26.14 34.19
N LYS C 98 -23.54 -26.92 33.34
CA LYS C 98 -24.01 -28.27 33.64
C LYS C 98 -22.81 -29.23 33.77
N LEU C 99 -21.81 -29.07 32.89
CA LEU C 99 -20.57 -29.86 32.92
C LEU C 99 -19.79 -29.53 34.22
N LEU C 100 -19.65 -28.23 34.54
CA LEU C 100 -18.95 -27.78 35.76
C LEU C 100 -19.64 -28.24 37.03
N LYS C 101 -21.00 -28.28 37.05
CA LYS C 101 -21.75 -28.78 38.20
C LYS C 101 -21.53 -30.29 38.35
N ALA C 102 -21.55 -31.04 37.23
CA ALA C 102 -21.32 -32.48 37.23
C ALA C 102 -19.91 -32.84 37.72
N LEU C 103 -18.90 -32.04 37.36
CA LEU C 103 -17.52 -32.21 37.82
C LEU C 103 -17.43 -31.94 39.32
N GLU C 104 -18.18 -30.93 39.81
CA GLU C 104 -18.22 -30.61 41.23
C GLU C 104 -18.88 -31.75 42.02
N ASN C 105 -19.96 -32.36 41.47
CA ASN C 105 -20.66 -33.49 42.10
C ASN C 105 -19.77 -34.74 42.18
N ILE C 106 -19.00 -35.01 41.11
CA ILE C 106 -18.13 -36.19 41.05
C ILE C 106 -16.82 -35.99 41.84
N LEU C 107 -16.10 -34.89 41.57
CA LEU C 107 -14.78 -34.66 42.16
C LEU C 107 -14.70 -33.72 43.37
N GLY C 108 -15.73 -32.90 43.60
CA GLY C 108 -15.78 -31.97 44.72
C GLY C 108 -14.91 -30.73 44.55
N ILE C 109 -14.49 -30.45 43.30
CA ILE C 109 -13.63 -29.30 42.99
C ILE C 109 -14.24 -28.36 41.95
N LYS C 110 -13.79 -27.10 41.95
CA LYS C 110 -14.22 -26.02 41.07
C LYS C 110 -13.09 -25.65 40.08
N PRO C 111 -13.36 -24.86 38.99
CA PRO C 111 -12.24 -24.46 38.09
C PRO C 111 -11.07 -23.81 38.84
N GLY C 112 -9.86 -24.20 38.47
CA GLY C 112 -8.64 -23.72 39.08
C GLY C 112 -8.16 -24.54 40.27
N GLU C 113 -9.02 -25.45 40.79
CA GLU C 113 -8.66 -26.30 41.95
C GLU C 113 -8.15 -27.68 41.52
N VAL C 114 -7.37 -28.32 42.41
CA VAL C 114 -6.82 -29.68 42.27
C VAL C 114 -7.44 -30.52 43.39
N THR C 115 -7.73 -31.82 43.11
CA THR C 115 -8.25 -32.74 44.14
C THR C 115 -7.15 -32.98 45.20
N PRO C 116 -7.48 -33.27 46.48
CA PRO C 116 -6.42 -33.44 47.50
C PRO C 116 -5.33 -34.46 47.16
N ASP C 117 -5.67 -35.53 46.42
CA ASP C 117 -4.76 -36.61 46.01
C ASP C 117 -3.84 -36.19 44.84
N GLY C 118 -4.09 -35.00 44.28
CA GLY C 118 -3.34 -34.46 43.15
C GLY C 118 -3.63 -35.15 41.84
N LYS C 119 -4.74 -35.92 41.78
CA LYS C 119 -5.11 -36.66 40.58
C LYS C 119 -5.68 -35.78 39.46
N PHE C 120 -6.66 -34.92 39.77
CA PHE C 120 -7.33 -34.09 38.77
C PHE C 120 -7.30 -32.60 39.10
N LYS C 121 -7.11 -31.77 38.07
CA LYS C 121 -7.21 -30.32 38.19
C LYS C 121 -8.19 -29.86 37.11
N ILE C 122 -9.15 -28.99 37.46
CA ILE C 122 -10.06 -28.41 36.46
C ILE C 122 -9.40 -27.12 35.97
N VAL C 123 -9.17 -27.03 34.65
CA VAL C 123 -8.54 -25.88 33.99
C VAL C 123 -9.57 -25.20 33.05
N PRO C 124 -10.11 -23.99 33.38
CA PRO C 124 -11.02 -23.34 32.41
C PRO C 124 -10.19 -22.83 31.24
N VAL C 125 -10.66 -23.06 30.01
CA VAL C 125 -9.92 -22.70 28.80
C VAL C 125 -10.86 -22.02 27.81
N GLN C 126 -10.27 -21.33 26.83
CA GLN C 126 -11.01 -20.71 25.74
C GLN C 126 -11.30 -21.77 24.68
N CYS C 127 -12.12 -21.43 23.69
CA CYS C 127 -12.58 -22.32 22.62
C CYS C 127 -11.57 -23.39 22.22
N LEU C 128 -11.99 -24.65 22.36
CA LEU C 128 -11.18 -25.83 22.04
C LEU C 128 -11.32 -26.29 20.59
N GLY C 129 -12.08 -25.55 19.77
CA GLY C 129 -12.29 -25.89 18.38
C GLY C 129 -13.05 -27.19 18.16
N ALA C 130 -14.12 -27.42 18.92
CA ALA C 130 -14.97 -28.60 18.76
C ALA C 130 -16.38 -28.19 19.13
N CYS C 131 -16.73 -26.94 18.79
CA CYS C 131 -17.95 -26.19 19.12
C CYS C 131 -19.27 -26.90 18.72
N SER C 132 -19.25 -27.70 17.64
CA SER C 132 -20.43 -28.47 17.20
C SER C 132 -20.72 -29.59 18.19
N GLU C 133 -19.71 -29.96 18.99
CA GLU C 133 -19.85 -31.01 19.99
C GLU C 133 -19.86 -30.44 21.43
N ALA C 134 -20.32 -29.17 21.59
CA ALA C 134 -20.42 -28.44 22.86
C ALA C 134 -21.41 -29.10 23.84
N PRO C 135 -21.18 -29.07 25.17
CA PRO C 135 -19.99 -28.54 25.89
C PRO C 135 -18.81 -29.49 25.81
N VAL C 136 -17.63 -28.95 25.47
CA VAL C 136 -16.39 -29.70 25.27
C VAL C 136 -15.47 -29.69 26.49
N PHE C 137 -14.78 -30.81 26.73
CA PHE C 137 -13.75 -30.91 27.74
C PHE C 137 -12.66 -31.88 27.26
N MET C 138 -11.47 -31.77 27.85
CA MET C 138 -10.34 -32.65 27.58
C MET C 138 -9.92 -33.26 28.91
N VAL C 139 -9.35 -34.47 28.89
CA VAL C 139 -8.76 -35.12 30.07
C VAL C 139 -7.36 -35.43 29.52
N ASN C 140 -6.39 -34.55 29.85
CA ASN C 140 -5.06 -34.53 29.26
C ASN C 140 -5.22 -34.42 27.73
N ASP C 141 -4.74 -35.38 26.91
CA ASP C 141 -4.85 -35.31 25.44
C ASP C 141 -6.20 -35.75 24.85
N ASP C 142 -7.03 -36.46 25.62
CA ASP C 142 -8.32 -36.94 25.13
C ASP C 142 -9.37 -35.86 25.17
N GLU C 143 -10.21 -35.79 24.14
CA GLU C 143 -11.26 -34.79 24.09
C GLU C 143 -12.62 -35.44 23.94
N TYR C 144 -13.65 -34.85 24.59
CA TYR C 144 -15.01 -35.36 24.67
C TYR C 144 -16.08 -34.29 24.64
N LYS C 145 -17.30 -34.70 24.29
CA LYS C 145 -18.54 -33.92 24.41
C LYS C 145 -19.14 -34.35 25.76
N PHE C 146 -19.58 -33.38 26.57
CA PHE C 146 -20.28 -33.70 27.82
C PHE C 146 -21.75 -33.98 27.47
N GLU C 147 -22.27 -35.16 27.90
CA GLU C 147 -23.64 -35.57 27.68
C GLU C 147 -24.44 -35.50 28.99
N SER C 148 -23.90 -36.08 30.06
CA SER C 148 -24.56 -36.13 31.38
C SER C 148 -23.54 -36.51 32.46
N GLU C 149 -23.95 -36.38 33.73
CA GLU C 149 -23.14 -36.76 34.88
C GLU C 149 -22.81 -38.29 34.86
N VAL C 150 -23.81 -39.14 34.51
CA VAL C 150 -23.64 -40.60 34.40
C VAL C 150 -22.56 -40.91 33.34
N GLN C 151 -22.65 -40.26 32.16
CA GLN C 151 -21.69 -40.43 31.06
C GLN C 151 -20.29 -39.94 31.47
N LEU C 152 -20.21 -38.74 32.10
CA LEU C 152 -18.97 -38.12 32.57
C LEU C 152 -18.26 -38.99 33.60
N ASN C 153 -19.03 -39.51 34.59
CA ASN C 153 -18.52 -40.39 35.64
C ASN C 153 -17.83 -41.62 35.05
N GLU C 154 -18.41 -42.23 34.00
CA GLU C 154 -17.83 -43.39 33.33
C GLU C 154 -16.52 -43.00 32.63
N ILE C 155 -16.48 -41.83 31.96
CA ILE C 155 -15.28 -41.32 31.30
C ILE C 155 -14.12 -41.16 32.31
N LEU C 156 -14.37 -40.46 33.43
CA LEU C 156 -13.38 -40.19 34.48
C LEU C 156 -12.83 -41.46 35.14
N SER C 157 -13.63 -42.54 35.24
CA SER C 157 -13.19 -43.81 35.87
C SER C 157 -12.09 -44.54 35.06
N ARG C 158 -11.90 -44.16 33.77
CA ARG C 158 -10.88 -44.73 32.88
C ARG C 158 -9.49 -44.20 33.26
N TYR C 159 -9.44 -43.08 33.98
CA TYR C 159 -8.19 -42.41 34.38
C TYR C 159 -7.89 -42.78 35.80
N THR C 160 -6.91 -43.66 35.98
CA THR C 160 -6.52 -44.24 37.27
C THR C 160 -5.29 -43.56 37.91
N SER D 3 -2.63 -45.81 17.55
CA SER D 3 -3.66 -45.25 18.43
C SER D 3 -3.42 -43.77 18.69
N TYR D 4 -4.46 -42.95 18.51
CA TYR D 4 -4.39 -41.51 18.72
C TYR D 4 -5.30 -41.08 19.88
N PRO D 5 -5.07 -39.92 20.52
CA PRO D 5 -5.98 -39.47 21.59
C PRO D 5 -7.42 -39.33 21.09
N ALA D 6 -8.42 -39.51 21.99
CA ALA D 6 -9.83 -39.42 21.64
C ALA D 6 -10.19 -38.02 21.15
N ILE D 7 -11.02 -37.94 20.11
CA ILE D 7 -11.49 -36.66 19.56
C ILE D 7 -13.02 -36.72 19.42
N PRO D 8 -13.77 -35.62 19.64
CA PRO D 8 -15.24 -35.71 19.47
C PRO D 8 -15.57 -35.91 17.99
N ARG D 9 -16.67 -36.61 17.70
CA ARG D 9 -17.05 -36.88 16.32
C ARG D 9 -17.83 -35.71 15.73
N ILE D 10 -17.15 -34.91 14.92
CA ILE D 10 -17.79 -33.74 14.31
C ILE D 10 -18.49 -34.16 13.02
N TYR D 11 -19.78 -33.83 12.90
CA TYR D 11 -20.57 -34.11 11.70
C TYR D 11 -20.03 -33.27 10.52
N ALA D 12 -19.84 -33.90 9.36
CA ALA D 12 -19.36 -33.21 8.15
C ALA D 12 -20.20 -33.61 6.97
N GLU D 13 -20.58 -32.61 6.15
CA GLU D 13 -21.43 -32.80 4.96
C GLU D 13 -20.90 -31.94 3.84
N THR D 14 -20.97 -32.45 2.60
CA THR D 14 -20.48 -31.73 1.41
C THR D 14 -21.44 -31.83 0.21
N THR D 15 -21.47 -30.78 -0.61
CA THR D 15 -22.22 -30.75 -1.87
C THR D 15 -21.22 -30.74 -3.01
N LEU D 16 -19.93 -30.65 -2.69
CA LEU D 16 -18.89 -30.56 -3.72
C LEU D 16 -17.95 -31.75 -3.79
N ASN D 17 -17.82 -32.50 -2.68
CA ASN D 17 -16.95 -33.67 -2.59
C ASN D 17 -15.48 -33.35 -2.94
N MET D 18 -14.96 -32.25 -2.40
CA MET D 18 -13.58 -31.85 -2.67
C MET D 18 -12.73 -31.94 -1.40
N LEU D 19 -12.70 -30.90 -0.58
CA LEU D 19 -11.96 -30.89 0.70
C LEU D 19 -12.49 -31.97 1.65
N LEU D 20 -13.78 -32.32 1.53
CA LEU D 20 -14.40 -33.34 2.36
C LEU D 20 -14.65 -34.66 1.61
N LYS D 21 -14.00 -34.89 0.43
CA LYS D 21 -14.12 -36.15 -0.31
C LYS D 21 -13.86 -37.35 0.62
N ARG D 22 -12.83 -37.25 1.48
CA ARG D 22 -12.49 -38.26 2.47
C ARG D 22 -12.85 -37.75 3.87
N ALA D 23 -12.53 -36.46 4.16
CA ALA D 23 -12.76 -35.84 5.48
C ALA D 23 -14.24 -35.73 5.90
N LYS D 24 -15.22 -36.17 5.06
CA LYS D 24 -16.62 -36.26 5.52
C LYS D 24 -16.74 -37.52 6.42
N LYS D 25 -15.78 -38.47 6.36
CA LYS D 25 -15.75 -39.69 7.18
C LYS D 25 -14.85 -39.42 8.39
N PRO D 26 -15.36 -39.63 9.63
CA PRO D 26 -14.57 -39.32 10.82
C PRO D 26 -13.46 -40.32 11.17
N ARG D 27 -12.46 -40.46 10.31
CA ARG D 27 -11.34 -41.36 10.54
C ARG D 27 -10.12 -40.94 9.77
N VAL D 28 -8.93 -41.41 10.19
CA VAL D 28 -7.66 -41.10 9.53
C VAL D 28 -7.59 -41.87 8.21
N HIS D 29 -7.33 -41.17 7.09
CA HIS D 29 -7.15 -41.79 5.77
C HIS D 29 -5.64 -41.82 5.55
N SER D 30 -5.03 -43.01 5.68
CA SER D 30 -3.58 -43.14 5.57
C SER D 30 -3.16 -43.15 4.12
N ILE D 31 -1.84 -43.13 3.87
CA ILE D 31 -1.28 -42.95 2.53
C ILE D 31 -1.77 -43.97 1.48
N ASP D 32 -1.93 -45.26 1.81
CA ASP D 32 -2.37 -46.27 0.83
C ASP D 32 -3.75 -45.95 0.30
N GLU D 33 -4.67 -45.62 1.21
CA GLU D 33 -6.04 -45.26 0.86
C GLU D 33 -6.03 -43.97 0.04
N TYR D 34 -5.22 -42.99 0.47
CA TYR D 34 -5.08 -41.71 -0.20
C TYR D 34 -4.56 -41.89 -1.65
N LEU D 35 -3.53 -42.76 -1.84
CA LEU D 35 -2.97 -43.05 -3.16
C LEU D 35 -3.97 -43.74 -4.09
N LYS D 36 -4.78 -44.69 -3.53
CA LYS D 36 -5.79 -45.42 -4.29
C LYS D 36 -6.91 -44.51 -4.79
N ASP D 37 -7.13 -43.41 -4.05
CA ASP D 37 -8.15 -42.39 -4.30
C ASP D 37 -7.67 -41.24 -5.24
N GLY D 38 -6.51 -41.42 -5.86
CA GLY D 38 -5.94 -40.45 -6.79
C GLY D 38 -4.97 -39.46 -6.19
N GLY D 39 -4.68 -39.59 -4.89
CA GLY D 39 -3.79 -38.69 -4.18
C GLY D 39 -2.35 -38.71 -4.67
N TYR D 40 -1.67 -37.54 -4.56
CA TYR D 40 -0.26 -37.29 -4.94
C TYR D 40 -0.05 -37.27 -6.46
N GLN D 41 -1.14 -37.30 -7.24
CA GLN D 41 -1.07 -37.16 -8.70
C GLN D 41 -0.99 -35.69 -9.09
N ALA D 42 -1.61 -34.79 -8.31
CA ALA D 42 -1.53 -33.33 -8.57
C ALA D 42 -0.09 -32.88 -8.28
N LEU D 43 0.57 -33.47 -7.23
CA LEU D 43 1.97 -33.15 -6.92
C LEU D 43 2.87 -33.52 -8.12
N GLU D 44 2.67 -34.73 -8.69
CA GLU D 44 3.43 -35.22 -9.85
C GLU D 44 3.29 -34.25 -11.02
N LYS D 45 2.06 -33.78 -11.28
CA LYS D 45 1.76 -32.84 -12.37
C LYS D 45 2.45 -31.50 -12.09
N ALA D 46 2.36 -31.01 -10.80
CA ALA D 46 2.96 -29.73 -10.38
C ALA D 46 4.45 -29.71 -10.61
N LEU D 47 5.14 -30.83 -10.29
CA LEU D 47 6.59 -30.96 -10.45
C LEU D 47 7.05 -31.00 -11.91
N ASN D 48 6.12 -31.23 -12.86
CA ASN D 48 6.39 -31.22 -14.30
C ASN D 48 6.06 -29.84 -14.90
N MET D 49 5.64 -28.91 -14.04
CA MET D 49 5.35 -27.52 -14.36
C MET D 49 6.46 -26.71 -13.69
N SER D 50 6.61 -25.45 -14.09
CA SER D 50 7.57 -24.56 -13.47
C SER D 50 6.91 -23.92 -12.21
N PRO D 51 7.69 -23.52 -11.17
CA PRO D 51 7.09 -22.85 -10.02
C PRO D 51 6.27 -21.61 -10.40
N GLU D 52 6.70 -20.86 -11.44
CA GLU D 52 6.04 -19.66 -11.98
C GLU D 52 4.63 -19.99 -12.52
N GLU D 53 4.49 -21.16 -13.18
CA GLU D 53 3.22 -21.66 -13.73
C GLU D 53 2.25 -21.98 -12.61
N ILE D 54 2.74 -22.61 -11.52
CA ILE D 54 1.92 -22.95 -10.35
C ILE D 54 1.36 -21.68 -9.72
N ILE D 55 2.23 -20.67 -9.54
CA ILE D 55 1.85 -19.35 -9.00
C ILE D 55 0.74 -18.75 -9.90
N ASP D 56 0.94 -18.79 -11.24
CA ASP D 56 -0.04 -18.27 -12.18
C ASP D 56 -1.41 -18.97 -12.10
N TRP D 57 -1.43 -20.31 -11.99
CA TRP D 57 -2.67 -21.09 -11.86
C TRP D 57 -3.38 -20.77 -10.54
N VAL D 58 -2.62 -20.68 -9.44
CA VAL D 58 -3.21 -20.36 -8.12
C VAL D 58 -3.78 -18.94 -8.16
N ASP D 59 -3.07 -18.01 -8.81
CA ASP D 59 -3.54 -16.64 -9.01
C ASP D 59 -4.84 -16.63 -9.84
N LYS D 60 -4.81 -17.21 -11.03
CA LYS D 60 -5.96 -17.26 -11.94
C LYS D 60 -7.19 -18.04 -11.40
N SER D 61 -7.00 -18.96 -10.45
CA SER D 61 -8.08 -19.74 -9.83
C SER D 61 -9.02 -18.85 -8.97
N THR D 62 -8.49 -17.67 -8.50
CA THR D 62 -9.13 -16.67 -7.61
C THR D 62 -9.14 -17.13 -6.16
N LEU D 63 -8.37 -18.20 -5.82
CA LEU D 63 -8.26 -18.69 -4.45
C LEU D 63 -7.90 -17.49 -3.52
N ARG D 64 -8.63 -17.38 -2.39
CA ARG D 64 -8.44 -16.35 -1.38
C ARG D 64 -8.20 -17.01 -0.07
N GLY D 65 -7.44 -16.34 0.80
CA GLY D 65 -7.09 -16.85 2.12
C GLY D 65 -8.29 -17.23 2.96
N ARG D 66 -8.32 -18.52 3.37
CA ARG D 66 -9.39 -19.12 4.14
C ARG D 66 -9.18 -18.94 5.66
N GLY D 67 -8.10 -18.24 6.02
CA GLY D 67 -7.79 -17.95 7.43
C GLY D 67 -8.64 -16.82 8.02
N GLY D 68 -9.38 -16.13 7.17
CA GLY D 68 -10.25 -15.05 7.61
C GLY D 68 -10.16 -13.72 6.87
N ALA D 69 -8.98 -13.33 6.35
CA ALA D 69 -8.85 -12.02 5.70
C ALA D 69 -9.15 -12.04 4.21
N GLY D 70 -9.17 -13.23 3.61
CA GLY D 70 -9.46 -13.37 2.18
C GLY D 70 -8.46 -12.74 1.23
N PHE D 71 -7.19 -12.67 1.61
CA PHE D 71 -6.17 -12.10 0.72
C PHE D 71 -5.90 -13.06 -0.47
N PRO D 72 -5.85 -12.54 -1.73
CA PRO D 72 -5.60 -13.44 -2.89
C PRO D 72 -4.29 -14.22 -2.74
N THR D 73 -4.41 -15.55 -2.74
CA THR D 73 -3.29 -16.46 -2.47
C THR D 73 -2.15 -16.32 -3.47
N GLY D 74 -2.48 -16.32 -4.76
CA GLY D 74 -1.49 -16.19 -5.82
C GLY D 74 -0.71 -14.90 -5.68
N LYS D 75 -1.41 -13.79 -5.37
CA LYS D 75 -0.80 -12.47 -5.18
C LYS D 75 0.19 -12.47 -3.99
N LYS D 76 -0.17 -13.18 -2.90
CA LYS D 76 0.69 -13.29 -1.72
C LYS D 76 2.00 -14.01 -2.09
N TRP D 77 1.89 -15.12 -2.83
CA TRP D 77 3.04 -15.91 -3.31
C TRP D 77 3.91 -15.08 -4.24
N LYS D 78 3.29 -14.26 -5.13
CA LYS D 78 4.03 -13.38 -6.05
C LYS D 78 4.88 -12.35 -5.29
N PHE D 79 4.39 -11.82 -4.15
CA PHE D 79 5.16 -10.89 -3.34
C PHE D 79 6.42 -11.57 -2.76
N ALA D 80 6.28 -12.82 -2.26
CA ALA D 80 7.39 -13.61 -1.69
C ALA D 80 8.53 -13.86 -2.73
N VAL D 81 8.16 -14.23 -3.98
CA VAL D 81 9.14 -14.56 -5.05
C VAL D 81 9.82 -13.32 -5.65
N GLN D 82 9.33 -12.10 -5.36
CA GLN D 82 10.04 -10.88 -5.83
C GLN D 82 11.34 -10.71 -4.99
N ASN D 83 11.40 -11.36 -3.82
CA ASN D 83 12.50 -11.26 -2.88
C ASN D 83 13.44 -12.44 -2.98
N PRO D 84 14.77 -12.22 -2.83
CA PRO D 84 15.71 -13.36 -2.94
C PRO D 84 15.53 -14.39 -1.82
N GLY D 85 15.75 -15.65 -2.18
CA GLY D 85 15.68 -16.79 -1.27
C GLY D 85 16.88 -16.85 -0.34
N PRO D 86 16.98 -17.82 0.61
CA PRO D 86 16.00 -18.88 0.92
C PRO D 86 14.66 -18.34 1.42
N ARG D 87 13.59 -19.06 1.10
CA ARG D 87 12.23 -18.70 1.48
C ARG D 87 11.65 -19.83 2.30
N TYR D 88 10.65 -19.51 3.13
CA TYR D 88 9.97 -20.46 3.98
C TYR D 88 8.50 -20.52 3.70
N PHE D 89 7.90 -21.69 3.91
CA PHE D 89 6.47 -21.85 3.77
C PHE D 89 5.90 -22.29 5.12
N ILE D 90 4.83 -21.65 5.55
CA ILE D 90 4.23 -21.98 6.84
C ILE D 90 2.75 -22.25 6.67
N CYS D 91 2.32 -23.39 7.20
CA CYS D 91 0.93 -23.77 7.29
C CYS D 91 0.42 -23.34 8.67
N ASN D 92 -0.56 -22.43 8.68
CA ASN D 92 -1.15 -21.97 9.93
C ASN D 92 -2.29 -22.94 10.37
N ALA D 93 -2.02 -23.78 11.38
CA ALA D 93 -2.99 -24.73 11.93
C ALA D 93 -3.29 -24.35 13.40
N ASP D 94 -3.18 -23.05 13.71
CA ASP D 94 -3.43 -22.60 15.09
C ASP D 94 -4.92 -22.64 15.48
N GLU D 95 -5.83 -22.55 14.48
CA GLU D 95 -7.28 -22.58 14.67
C GLU D 95 -7.76 -22.39 16.14
N SER D 96 -7.80 -21.16 16.63
CA SER D 96 -8.24 -20.88 18.01
C SER D 96 -9.39 -19.87 18.07
N GLU D 97 -9.94 -19.49 16.91
CA GLU D 97 -11.08 -18.56 16.88
C GLU D 97 -12.35 -19.26 17.44
N PRO D 98 -13.11 -18.66 18.39
CA PRO D 98 -14.35 -19.30 18.87
C PRO D 98 -15.29 -19.69 17.73
N GLY D 99 -15.88 -20.88 17.84
CA GLY D 99 -16.78 -21.44 16.83
C GLY D 99 -16.09 -22.03 15.61
N THR D 100 -14.75 -21.96 15.54
CA THR D 100 -14.02 -22.41 14.35
C THR D 100 -13.36 -23.75 14.59
N PHE D 101 -13.80 -24.74 13.82
CA PHE D 101 -13.32 -26.12 13.91
C PHE D 101 -13.22 -26.73 12.49
N LYS D 102 -13.09 -25.87 11.47
CA LYS D 102 -13.02 -26.31 10.06
C LYS D 102 -11.68 -26.96 9.72
N ASP D 103 -10.56 -26.41 10.23
CA ASP D 103 -9.21 -26.86 9.87
C ASP D 103 -8.85 -28.23 10.44
N ARG D 104 -9.25 -28.52 11.68
CA ARG D 104 -8.99 -29.80 12.34
C ARG D 104 -9.56 -30.99 11.58
N ILE D 105 -10.72 -30.84 10.90
CA ILE D 105 -11.29 -32.00 10.24
C ILE D 105 -10.45 -32.41 9.02
N ILE D 106 -9.76 -31.47 8.33
CA ILE D 106 -8.82 -31.82 7.24
C ILE D 106 -7.55 -32.47 7.87
N ILE D 107 -7.02 -31.86 8.94
CA ILE D 107 -5.81 -32.37 9.61
C ILE D 107 -5.97 -33.80 10.12
N GLU D 108 -7.07 -34.03 10.87
CA GLU D 108 -7.32 -35.30 11.54
C GLU D 108 -7.87 -36.41 10.65
N ARG D 109 -8.50 -36.08 9.50
CA ARG D 109 -9.09 -37.11 8.64
C ARG D 109 -8.39 -37.30 7.28
N ASP D 110 -7.90 -36.21 6.68
CA ASP D 110 -7.23 -36.32 5.37
C ASP D 110 -5.91 -35.56 5.41
N PRO D 111 -4.95 -35.93 6.33
CA PRO D 111 -3.70 -35.16 6.43
C PRO D 111 -2.86 -35.11 5.15
N HIS D 112 -2.97 -36.13 4.28
CA HIS D 112 -2.21 -36.15 3.03
C HIS D 112 -2.67 -35.09 2.05
N LEU D 113 -3.92 -34.61 2.15
CA LEU D 113 -4.42 -33.53 1.30
C LEU D 113 -3.68 -32.26 1.68
N LEU D 114 -3.52 -32.05 3.00
CA LEU D 114 -2.79 -30.91 3.53
C LEU D 114 -1.31 -31.00 3.13
N ILE D 115 -0.70 -32.16 3.37
CA ILE D 115 0.71 -32.42 3.03
C ILE D 115 0.95 -32.21 1.52
N GLU D 116 0.08 -32.77 0.66
CA GLU D 116 0.22 -32.59 -0.79
C GLU D 116 0.18 -31.09 -1.15
N GLY D 117 -0.75 -30.35 -0.53
CA GLY D 117 -0.87 -28.91 -0.75
C GLY D 117 0.37 -28.15 -0.32
N ILE D 118 0.95 -28.50 0.84
CA ILE D 118 2.17 -27.85 1.36
C ILE D 118 3.35 -28.06 0.41
N ILE D 119 3.49 -29.29 -0.14
CA ILE D 119 4.60 -29.62 -1.07
C ILE D 119 4.51 -28.80 -2.34
N ILE D 120 3.30 -28.76 -2.95
CA ILE D 120 3.07 -27.98 -4.17
C ILE D 120 3.37 -26.49 -3.91
N SER D 121 2.81 -25.92 -2.81
CA SER D 121 2.98 -24.50 -2.43
C SER D 121 4.44 -24.14 -2.17
N SER D 122 5.17 -25.03 -1.49
CA SER D 122 6.59 -24.82 -1.18
C SER D 122 7.40 -24.82 -2.47
N TYR D 123 7.12 -25.77 -3.38
CA TYR D 123 7.77 -25.84 -4.70
C TYR D 123 7.48 -24.55 -5.46
N ALA D 124 6.22 -24.07 -5.43
CA ALA D 124 5.80 -22.84 -6.12
C ALA D 124 6.63 -21.61 -5.71
N ILE D 125 6.91 -21.45 -4.40
CA ILE D 125 7.65 -20.28 -3.91
C ILE D 125 9.15 -20.53 -3.69
N GLY D 126 9.62 -21.75 -4.00
CA GLY D 126 11.02 -22.12 -3.85
C GLY D 126 11.47 -22.32 -2.42
N ALA D 127 10.56 -22.77 -1.52
CA ALA D 127 10.91 -23.01 -0.12
C ALA D 127 11.37 -24.46 0.05
N ASN D 128 12.52 -24.69 0.70
CA ASN D 128 13.01 -26.05 0.93
C ASN D 128 12.72 -26.52 2.36
N GLU D 129 12.13 -25.64 3.19
CA GLU D 129 11.69 -25.98 4.55
C GLU D 129 10.31 -25.42 4.75
N ALA D 130 9.39 -26.29 5.21
CA ALA D 130 8.03 -25.89 5.51
C ALA D 130 7.70 -26.23 6.96
N TYR D 131 6.79 -25.45 7.56
CA TYR D 131 6.41 -25.65 8.96
C TYR D 131 4.92 -25.71 9.07
N ILE D 132 4.42 -26.62 9.91
CA ILE D 132 3.01 -26.64 10.29
C ILE D 132 3.04 -26.16 11.74
N TYR D 133 2.32 -25.07 12.07
CA TYR D 133 2.22 -24.64 13.45
C TYR D 133 0.81 -25.03 13.86
N ILE D 134 0.68 -26.05 14.70
CA ILE D 134 -0.62 -26.54 15.16
C ILE D 134 -0.83 -26.19 16.64
N ARG D 135 -2.03 -25.71 17.01
CA ARG D 135 -2.31 -25.35 18.43
C ARG D 135 -2.06 -26.53 19.36
N GLY D 136 -1.60 -26.23 20.58
CA GLY D 136 -1.31 -27.23 21.60
C GLY D 136 -2.49 -28.10 22.00
N GLU D 137 -3.73 -27.58 21.88
CA GLU D 137 -4.99 -28.26 22.23
C GLU D 137 -5.50 -29.19 21.12
N TYR D 138 -4.69 -29.37 20.05
CA TYR D 138 -4.95 -30.35 18.99
C TYR D 138 -3.84 -31.45 19.06
N PRO D 139 -3.69 -32.21 20.18
CA PRO D 139 -2.62 -33.23 20.23
C PRO D 139 -2.82 -34.38 19.23
N ALA D 140 -4.07 -34.83 18.99
CA ALA D 140 -4.32 -35.92 18.02
C ALA D 140 -3.89 -35.45 16.62
N GLY D 141 -4.27 -34.23 16.25
CA GLY D 141 -3.88 -33.63 14.99
C GLY D 141 -2.36 -33.58 14.83
N TYR D 142 -1.64 -33.22 15.90
CA TYR D 142 -0.17 -33.18 15.88
C TYR D 142 0.41 -34.58 15.58
N TYR D 143 -0.05 -35.63 16.30
CA TYR D 143 0.46 -37.00 16.10
C TYR D 143 0.10 -37.56 14.74
N ILE D 144 -1.13 -37.27 14.27
CA ILE D 144 -1.58 -37.70 12.94
C ILE D 144 -0.68 -37.10 11.86
N LEU D 145 -0.37 -35.78 11.99
CA LEU D 145 0.50 -35.09 11.02
C LEU D 145 1.91 -35.63 11.02
N ARG D 146 2.51 -35.84 12.21
CA ARG D 146 3.86 -36.42 12.32
C ARG D 146 3.96 -37.78 11.61
N ASP D 147 2.94 -38.66 11.81
CA ASP D 147 2.90 -39.99 11.17
C ASP D 147 2.68 -39.89 9.67
N ALA D 148 1.79 -38.98 9.22
CA ALA D 148 1.50 -38.83 7.80
C ALA D 148 2.71 -38.29 7.04
N ILE D 149 3.47 -37.38 7.65
CA ILE D 149 4.69 -36.83 7.05
C ILE D 149 5.71 -37.95 6.84
N GLU D 150 5.88 -38.84 7.83
CA GLU D 150 6.78 -40.00 7.71
C GLU D 150 6.35 -40.95 6.59
N GLU D 151 5.03 -41.17 6.44
CA GLU D 151 4.46 -41.98 5.36
C GLU D 151 4.81 -41.34 4.01
N ALA D 152 4.64 -39.99 3.88
CA ALA D 152 4.97 -39.22 2.65
C ALA D 152 6.45 -39.34 2.29
N LYS D 153 7.34 -39.20 3.29
CA LYS D 153 8.79 -39.32 3.12
C LYS D 153 9.17 -40.76 2.64
N LYS D 154 8.58 -41.82 3.27
CA LYS D 154 8.85 -43.22 2.89
C LYS D 154 8.45 -43.51 1.44
N LYS D 155 7.37 -42.87 0.95
CA LYS D 155 6.90 -43.04 -0.43
C LYS D 155 7.63 -42.11 -1.43
N GLY D 156 8.61 -41.34 -0.94
CA GLY D 156 9.41 -40.42 -1.75
C GLY D 156 8.79 -39.08 -2.10
N PHE D 157 7.68 -38.68 -1.42
CA PHE D 157 7.01 -37.40 -1.71
C PHE D 157 7.66 -36.23 -0.94
N LEU D 158 8.55 -36.56 0.02
CA LEU D 158 9.32 -35.61 0.80
C LEU D 158 10.78 -36.05 0.82
N GLY D 159 11.65 -35.12 1.18
CA GLY D 159 13.08 -35.39 1.27
C GLY D 159 13.82 -34.67 0.16
N LYS D 160 14.92 -35.26 -0.29
CA LYS D 160 15.72 -34.64 -1.34
C LYS D 160 15.33 -35.15 -2.71
N ASN D 161 15.43 -34.29 -3.75
CA ASN D 161 15.18 -34.65 -5.15
C ASN D 161 13.83 -35.40 -5.31
N ILE D 162 12.74 -34.77 -4.87
CA ILE D 162 11.41 -35.36 -4.87
C ILE D 162 10.97 -35.77 -6.27
N LEU D 163 10.77 -37.09 -6.47
CA LEU D 163 10.32 -37.66 -7.74
C LEU D 163 11.24 -37.28 -8.92
N GLY D 164 12.53 -37.11 -8.62
CA GLY D 164 13.55 -36.79 -9.63
C GLY D 164 13.46 -35.38 -10.17
N SER D 165 12.75 -34.48 -9.47
CA SER D 165 12.53 -33.08 -9.87
C SER D 165 13.67 -32.13 -9.52
N GLY D 166 14.57 -32.54 -8.63
CA GLY D 166 15.63 -31.66 -8.14
C GLY D 166 15.14 -30.79 -6.99
N PHE D 167 13.86 -30.91 -6.60
CA PHE D 167 13.27 -30.12 -5.52
C PHE D 167 13.40 -30.85 -4.18
N ASP D 168 13.93 -30.16 -3.17
CA ASP D 168 14.11 -30.69 -1.82
C ASP D 168 13.10 -30.08 -0.85
N LEU D 169 12.53 -30.89 0.05
CA LEU D 169 11.63 -30.36 1.06
C LEU D 169 11.56 -31.21 2.31
N GLU D 170 11.57 -30.54 3.47
CA GLU D 170 11.32 -31.12 4.79
C GLU D 170 10.15 -30.34 5.37
N ILE D 171 9.21 -31.04 6.04
CA ILE D 171 8.07 -30.43 6.73
C ILE D 171 8.25 -30.68 8.22
N TYR D 172 8.33 -29.61 9.01
CA TYR D 172 8.50 -29.69 10.48
C TYR D 172 7.16 -29.34 11.14
N VAL D 173 6.79 -30.05 12.22
CA VAL D 173 5.53 -29.74 12.92
C VAL D 173 5.87 -29.13 14.26
N ALA D 174 5.43 -27.89 14.48
CA ALA D 174 5.60 -27.20 15.76
C ALA D 174 4.25 -27.19 16.48
N ARG D 175 4.28 -27.17 17.81
CA ARG D 175 3.05 -27.12 18.60
C ARG D 175 2.96 -25.81 19.33
N GLY D 176 1.76 -25.27 19.38
CA GLY D 176 1.44 -24.09 20.17
C GLY D 176 1.30 -24.49 21.62
N ALA D 177 1.00 -23.54 22.50
CA ALA D 177 0.88 -23.86 23.92
C ALA D 177 -0.15 -23.02 24.66
N GLY D 178 -1.27 -22.72 23.98
CA GLY D 178 -2.41 -22.04 24.59
C GLY D 178 -2.70 -20.58 24.30
N ALA D 179 -2.07 -19.98 23.30
CA ALA D 179 -2.29 -18.57 22.98
C ALA D 179 -2.98 -18.36 21.63
N TYR D 180 -4.19 -17.79 21.65
CA TYR D 180 -4.96 -17.46 20.43
C TYR D 180 -4.16 -16.50 19.54
N ILE D 181 -3.37 -15.62 20.16
CA ILE D 181 -2.58 -14.64 19.40
C ILE D 181 -1.52 -15.31 18.52
N CYS D 182 -1.14 -16.58 18.81
CA CYS D 182 -0.17 -17.27 17.99
C CYS D 182 -0.75 -17.73 16.64
N GLY D 183 -2.03 -17.44 16.41
CA GLY D 183 -2.69 -17.61 15.12
C GLY D 183 -2.38 -16.44 14.21
N GLU D 184 -2.07 -15.24 14.81
CA GLU D 184 -1.71 -14.04 14.04
C GLU D 184 -0.35 -14.38 13.43
N GLU D 185 -0.21 -14.27 12.10
CA GLU D 185 0.96 -14.78 11.39
C GLU D 185 2.33 -14.30 11.90
N THR D 186 2.45 -13.04 12.38
CA THR D 186 3.78 -12.57 12.88
C THR D 186 4.05 -13.11 14.29
N ALA D 187 2.99 -13.28 15.11
CA ALA D 187 3.16 -13.87 16.46
C ALA D 187 3.48 -15.38 16.29
N LEU D 188 2.87 -16.03 15.29
CA LEU D 188 3.12 -17.43 14.96
C LEU D 188 4.62 -17.59 14.64
N ILE D 189 5.17 -16.71 13.76
CA ILE D 189 6.58 -16.73 13.39
C ILE D 189 7.48 -16.56 14.64
N GLU D 190 7.16 -15.59 15.50
CA GLU D 190 7.88 -15.34 16.77
C GLU D 190 7.92 -16.61 17.61
N SER D 191 6.77 -17.32 17.70
CA SER D 191 6.63 -18.58 18.45
C SER D 191 7.47 -19.68 17.80
N LEU D 192 7.50 -19.75 16.44
CA LEU D 192 8.33 -20.71 15.71
C LEU D 192 9.80 -20.47 15.96
N GLU D 193 10.17 -19.21 16.24
CA GLU D 193 11.55 -18.81 16.55
C GLU D 193 11.90 -19.05 18.02
N GLY D 194 10.98 -19.63 18.77
CA GLY D 194 11.18 -20.00 20.16
C GLY D 194 10.97 -18.90 21.18
N LYS D 195 10.14 -17.91 20.84
CA LYS D 195 9.88 -16.77 21.71
C LYS D 195 8.42 -16.66 22.09
N ARG D 196 8.10 -15.65 22.93
CA ARG D 196 6.70 -15.34 23.29
C ARG D 196 6.00 -14.89 22.00
N GLY D 197 4.73 -15.24 21.86
CA GLY D 197 3.95 -14.93 20.66
C GLY D 197 3.48 -13.49 20.59
N HIS D 198 4.43 -12.56 20.39
CA HIS D 198 4.12 -11.15 20.25
C HIS D 198 4.11 -10.73 18.77
N PRO D 199 2.97 -10.26 18.24
CA PRO D 199 2.97 -9.76 16.86
C PRO D 199 4.02 -8.67 16.60
N ARG D 200 4.45 -8.59 15.35
CA ARG D 200 5.42 -7.61 14.90
C ARG D 200 4.65 -6.54 14.15
N LEU D 201 5.22 -5.32 14.11
CA LEU D 201 4.69 -4.22 13.33
C LEU D 201 4.79 -4.60 11.84
N LYS D 202 3.71 -4.35 11.10
CA LYS D 202 3.60 -4.61 9.67
C LYS D 202 3.18 -3.30 8.98
N PRO D 203 3.76 -2.95 7.82
CA PRO D 203 4.84 -3.66 7.09
C PRO D 203 6.13 -3.64 7.91
N PRO D 204 7.09 -4.54 7.65
CA PRO D 204 7.11 -5.56 6.57
C PRO D 204 6.14 -6.72 6.77
N TYR D 205 5.58 -7.24 5.66
CA TYR D 205 4.73 -8.41 5.71
C TYR D 205 5.66 -9.63 5.67
N PRO D 206 5.26 -10.79 6.24
CA PRO D 206 6.17 -11.97 6.22
C PRO D 206 6.80 -12.32 4.86
N VAL D 207 6.08 -12.05 3.74
CA VAL D 207 6.59 -12.31 2.37
C VAL D 207 7.87 -11.54 2.06
N GLN D 208 8.10 -10.45 2.80
CA GLN D 208 9.33 -9.66 2.67
C GLN D 208 10.30 -10.06 3.79
N LYS D 209 9.84 -10.04 5.04
CA LYS D 209 10.68 -10.33 6.22
C LYS D 209 9.87 -11.19 7.17
N GLY D 210 10.19 -12.48 7.23
CA GLY D 210 9.41 -13.41 8.05
C GLY D 210 10.24 -14.20 9.01
N LEU D 211 10.25 -15.55 8.84
CA LEU D 211 11.02 -16.45 9.70
C LEU D 211 12.49 -16.22 9.47
N TRP D 212 13.21 -15.88 10.56
CA TRP D 212 14.64 -15.49 10.56
C TRP D 212 14.89 -14.30 9.63
N GLY D 213 13.86 -13.44 9.46
CA GLY D 213 13.94 -12.28 8.59
C GLY D 213 13.91 -12.59 7.10
N LYS D 214 13.61 -13.83 6.73
CA LYS D 214 13.59 -14.28 5.32
C LYS D 214 12.18 -14.25 4.71
N PRO D 215 12.04 -14.09 3.37
CA PRO D 215 10.70 -14.15 2.73
C PRO D 215 9.94 -15.41 3.16
N THR D 216 8.75 -15.20 3.71
CA THR D 216 7.97 -16.29 4.26
C THR D 216 6.50 -16.18 3.85
N VAL D 217 5.92 -17.29 3.36
CA VAL D 217 4.50 -17.33 3.09
C VAL D 217 3.82 -18.05 4.22
N VAL D 218 2.81 -17.41 4.82
CA VAL D 218 1.95 -18.05 5.82
C VAL D 218 0.57 -18.22 5.16
N ASN D 219 0.05 -19.44 5.16
CA ASN D 219 -1.30 -19.72 4.66
C ASN D 219 -2.01 -20.63 5.62
N ASN D 220 -3.34 -20.49 5.66
CA ASN D 220 -4.22 -21.29 6.49
C ASN D 220 -4.35 -22.71 5.91
N VAL D 221 -4.60 -23.71 6.78
CA VAL D 221 -4.82 -25.14 6.42
C VAL D 221 -5.78 -25.29 5.24
N GLU D 222 -6.96 -24.65 5.34
CA GLU D 222 -7.99 -24.77 4.31
C GLU D 222 -7.55 -24.18 2.98
N THR D 223 -6.86 -23.01 3.01
CA THR D 223 -6.33 -22.41 1.78
C THR D 223 -5.42 -23.43 1.07
N ILE D 224 -4.49 -24.02 1.81
CA ILE D 224 -3.54 -24.99 1.30
C ILE D 224 -4.21 -26.22 0.70
N ALA D 225 -5.25 -26.76 1.39
CA ALA D 225 -6.00 -27.94 0.92
C ALA D 225 -6.67 -27.74 -0.46
N ASN D 226 -6.81 -26.49 -0.93
CA ASN D 226 -7.37 -26.19 -2.26
C ASN D 226 -6.34 -26.37 -3.37
N VAL D 227 -5.06 -26.20 -3.02
CA VAL D 227 -3.95 -26.21 -4.02
C VAL D 227 -3.89 -27.54 -4.83
N PRO D 228 -3.98 -28.76 -4.23
CA PRO D 228 -4.02 -29.98 -5.07
C PRO D 228 -5.18 -30.00 -6.06
N PHE D 229 -6.35 -29.43 -5.70
CA PHE D 229 -7.53 -29.36 -6.58
C PHE D 229 -7.29 -28.42 -7.76
N ILE D 230 -6.65 -27.26 -7.50
CA ILE D 230 -6.34 -26.30 -8.56
C ILE D 230 -5.41 -26.95 -9.60
N ILE D 231 -4.37 -27.67 -9.14
CA ILE D 231 -3.46 -28.35 -10.08
C ILE D 231 -4.16 -29.50 -10.81
N SER D 232 -4.90 -30.34 -10.08
CA SER D 232 -5.59 -31.50 -10.64
C SER D 232 -6.63 -31.10 -11.72
N MET D 233 -7.55 -30.19 -11.38
CA MET D 233 -8.61 -29.75 -12.28
C MET D 233 -8.17 -28.69 -13.30
N GLY D 234 -7.18 -27.88 -12.93
CA GLY D 234 -6.78 -26.70 -13.70
C GLY D 234 -7.56 -25.53 -13.15
N TRP D 235 -7.01 -24.31 -13.24
CA TRP D 235 -7.68 -23.11 -12.68
C TRP D 235 -9.03 -22.80 -13.32
N GLU D 236 -9.20 -23.13 -14.62
CA GLU D 236 -10.46 -22.88 -15.36
C GLU D 236 -11.66 -23.63 -14.78
N GLU D 237 -11.51 -24.97 -14.61
CA GLU D 237 -12.49 -25.88 -13.99
C GLU D 237 -12.75 -25.51 -12.53
N TYR D 238 -11.68 -25.18 -11.76
CA TYR D 238 -11.81 -24.76 -10.36
C TYR D 238 -12.69 -23.52 -10.28
N ARG D 239 -12.49 -22.58 -11.22
CA ARG D 239 -13.20 -21.33 -11.30
C ARG D 239 -14.73 -21.46 -11.63
N TYR D 240 -15.22 -22.64 -12.10
CA TYR D 240 -16.65 -22.89 -12.30
C TYR D 240 -17.37 -23.16 -10.97
N ILE D 241 -16.62 -23.38 -9.87
CA ILE D 241 -17.19 -23.67 -8.55
C ILE D 241 -17.56 -22.37 -7.86
N GLY D 242 -18.86 -22.16 -7.68
CA GLY D 242 -19.37 -20.94 -7.06
C GLY D 242 -19.24 -19.73 -7.96
N PRO D 243 -19.26 -18.50 -7.40
CA PRO D 243 -19.09 -17.31 -8.27
C PRO D 243 -17.67 -17.23 -8.83
N SER D 244 -17.51 -16.95 -10.14
CA SER D 244 -16.20 -16.90 -10.83
C SER D 244 -15.19 -15.88 -10.23
N ASP D 245 -15.66 -14.92 -9.42
CA ASP D 245 -14.79 -13.94 -8.74
C ASP D 245 -14.30 -14.42 -7.37
N TYR D 246 -15.05 -15.34 -6.69
CA TYR D 246 -14.78 -15.93 -5.35
C TYR D 246 -15.06 -17.42 -5.47
N ALA D 247 -14.24 -18.07 -6.28
CA ALA D 247 -14.43 -19.46 -6.63
C ALA D 247 -13.88 -20.45 -5.61
N GLY D 248 -14.37 -21.68 -5.73
CA GLY D 248 -13.88 -22.81 -4.98
C GLY D 248 -14.76 -23.25 -3.83
N PRO D 249 -14.46 -24.44 -3.31
CA PRO D 249 -15.20 -24.91 -2.13
C PRO D 249 -14.85 -24.06 -0.90
N LYS D 250 -15.75 -24.00 0.06
CA LYS D 250 -15.47 -23.32 1.33
C LYS D 250 -16.03 -24.16 2.44
N LEU D 251 -15.29 -24.28 3.56
CA LEU D 251 -15.76 -25.04 4.74
C LEU D 251 -16.44 -24.06 5.70
N PHE D 252 -17.63 -24.45 6.18
CA PHE D 252 -18.42 -23.62 7.08
C PHE D 252 -18.66 -24.36 8.39
N PRO D 253 -17.93 -24.01 9.47
CA PRO D 253 -18.19 -24.64 10.76
C PRO D 253 -19.41 -23.95 11.41
N VAL D 254 -20.51 -24.72 11.54
CA VAL D 254 -21.81 -24.24 12.05
C VAL D 254 -22.06 -24.83 13.43
N SER D 255 -22.32 -23.97 14.42
CA SER D 255 -22.57 -24.41 15.78
C SER D 255 -23.61 -23.54 16.46
N GLY D 256 -23.88 -23.83 17.73
CA GLY D 256 -24.90 -23.13 18.48
C GLY D 256 -26.25 -23.79 18.32
N LYS D 257 -27.29 -22.98 18.20
CA LYS D 257 -28.69 -23.42 18.18
C LYS D 257 -29.21 -23.94 16.82
N VAL D 258 -28.48 -24.88 16.21
CA VAL D 258 -28.91 -25.53 14.96
C VAL D 258 -29.20 -27.01 15.25
N LYS D 259 -30.00 -27.65 14.40
CA LYS D 259 -30.34 -29.07 14.54
C LYS D 259 -29.16 -29.95 14.13
N LYS D 260 -28.36 -29.50 13.14
CA LYS D 260 -27.25 -30.32 12.66
C LYS D 260 -25.93 -29.56 12.74
N PRO D 261 -25.37 -29.34 13.95
CA PRO D 261 -24.07 -28.63 14.01
C PRO D 261 -22.95 -29.45 13.40
N GLY D 262 -22.04 -28.79 12.70
CA GLY D 262 -20.92 -29.47 12.05
C GLY D 262 -20.30 -28.64 10.95
N VAL D 263 -19.47 -29.28 10.11
CA VAL D 263 -18.76 -28.63 9.01
C VAL D 263 -19.46 -28.94 7.68
N TYR D 264 -19.73 -27.88 6.91
CA TYR D 264 -20.37 -27.97 5.62
C TYR D 264 -19.45 -27.46 4.51
N GLU D 265 -19.20 -28.29 3.50
CA GLU D 265 -18.41 -27.88 2.34
C GLU D 265 -19.42 -27.41 1.30
N LEU D 266 -19.44 -26.08 1.03
CA LEU D 266 -20.41 -25.48 0.13
C LEU D 266 -19.77 -24.42 -0.78
N PRO D 267 -20.37 -24.09 -1.95
CA PRO D 267 -19.83 -22.98 -2.76
C PRO D 267 -20.19 -21.64 -2.08
N MET D 268 -19.43 -20.55 -2.36
CA MET D 268 -19.61 -19.26 -1.67
C MET D 268 -20.80 -18.41 -2.15
N ASN D 269 -21.59 -18.89 -3.13
CA ASN D 269 -22.82 -18.21 -3.53
C ASN D 269 -23.98 -18.63 -2.59
N THR D 270 -23.75 -19.62 -1.70
CA THR D 270 -24.74 -20.05 -0.69
C THR D 270 -24.97 -18.83 0.23
N THR D 271 -26.21 -18.63 0.68
CA THR D 271 -26.51 -17.54 1.58
C THR D 271 -26.40 -18.04 3.01
N LEU D 272 -26.32 -17.11 3.97
CA LEU D 272 -26.29 -17.45 5.39
C LEU D 272 -27.59 -18.19 5.76
N ARG D 273 -28.75 -17.72 5.22
CA ARG D 273 -30.05 -18.36 5.46
C ARG D 273 -30.00 -19.83 5.01
N GLU D 274 -29.45 -20.09 3.81
CA GLU D 274 -29.33 -21.45 3.29
C GLU D 274 -28.43 -22.31 4.19
N VAL D 275 -27.28 -21.79 4.65
CA VAL D 275 -26.36 -22.52 5.53
C VAL D 275 -27.16 -23.06 6.75
N ILE D 276 -27.87 -22.16 7.43
CA ILE D 276 -28.65 -22.49 8.62
C ILE D 276 -29.83 -23.41 8.35
N PHE D 277 -30.73 -23.02 7.42
CA PHE D 277 -32.00 -23.71 7.18
C PHE D 277 -31.96 -24.83 6.15
N LYS D 278 -31.23 -24.67 5.06
CA LYS D 278 -31.19 -25.72 4.03
C LYS D 278 -30.21 -26.83 4.42
N TYR D 279 -29.04 -26.46 4.98
CA TYR D 279 -28.00 -27.44 5.30
C TYR D 279 -27.90 -27.85 6.76
N ALA D 280 -27.85 -26.90 7.71
CA ALA D 280 -27.73 -27.23 9.13
C ALA D 280 -29.05 -27.66 9.81
N GLY D 281 -30.09 -27.86 9.01
CA GLY D 281 -31.40 -28.34 9.43
C GLY D 281 -32.28 -27.38 10.21
N GLY D 282 -32.00 -26.08 10.13
CA GLY D 282 -32.78 -25.10 10.86
C GLY D 282 -32.38 -24.99 12.32
N THR D 283 -33.20 -24.33 13.14
CA THR D 283 -32.87 -24.10 14.55
C THR D 283 -33.44 -25.13 15.53
N LEU D 284 -32.80 -25.25 16.72
CA LEU D 284 -33.29 -26.12 17.79
C LEU D 284 -34.64 -25.60 18.25
N GLY D 285 -35.62 -26.49 18.33
CA GLY D 285 -36.99 -26.17 18.68
C GLY D 285 -37.70 -25.26 17.70
N ASN D 286 -37.12 -25.04 16.48
CA ASN D 286 -37.65 -24.15 15.44
C ASN D 286 -37.85 -22.70 15.93
N LYS D 287 -36.98 -22.26 16.87
CA LYS D 287 -37.01 -20.90 17.43
C LYS D 287 -36.49 -19.93 16.39
N LYS D 288 -36.90 -18.65 16.46
CA LYS D 288 -36.42 -17.65 15.51
C LYS D 288 -34.94 -17.36 15.73
N VAL D 289 -34.17 -17.16 14.64
CA VAL D 289 -32.76 -16.75 14.72
C VAL D 289 -32.75 -15.32 15.26
N LYS D 290 -31.93 -15.06 16.28
CA LYS D 290 -31.77 -13.72 16.83
C LYS D 290 -30.51 -13.11 16.22
N ALA D 291 -29.40 -13.86 16.28
CA ALA D 291 -28.12 -13.37 15.77
C ALA D 291 -27.22 -14.49 15.32
N VAL D 292 -26.25 -14.16 14.48
CA VAL D 292 -25.22 -15.08 14.02
C VAL D 292 -23.90 -14.41 14.37
N PHE D 293 -23.07 -15.10 15.15
CA PHE D 293 -21.75 -14.59 15.50
C PHE D 293 -20.78 -15.25 14.53
N SER D 294 -20.05 -14.44 13.80
CA SER D 294 -19.03 -14.89 12.88
C SER D 294 -17.76 -14.94 13.75
N GLY D 295 -17.60 -16.03 14.48
CA GLY D 295 -16.51 -16.19 15.46
C GLY D 295 -16.69 -15.11 16.53
N ALA D 296 -15.56 -14.47 16.90
CA ALA D 296 -15.55 -13.34 17.83
C ALA D 296 -15.36 -12.03 17.02
N LEU D 297 -15.59 -12.07 15.70
CA LEU D 297 -15.37 -10.94 14.78
C LEU D 297 -16.60 -10.06 14.49
N ASP D 298 -17.72 -10.67 14.10
CA ASP D 298 -18.91 -9.93 13.70
C ASP D 298 -20.18 -10.53 14.27
N CYS D 299 -21.20 -9.69 14.35
CA CYS D 299 -22.53 -10.08 14.77
C CYS D 299 -23.49 -9.67 13.66
N PHE D 300 -24.18 -10.66 13.07
CA PHE D 300 -25.18 -10.44 12.02
C PHE D 300 -26.56 -10.67 12.63
N SER D 301 -27.51 -9.76 12.39
CA SER D 301 -28.87 -9.91 12.91
C SER D 301 -29.70 -10.80 11.96
N SER D 302 -30.93 -11.16 12.38
CA SER D 302 -31.88 -11.95 11.57
C SER D 302 -32.33 -11.22 10.28
N GLU D 303 -32.04 -9.90 10.17
CA GLU D 303 -32.36 -9.07 9.00
C GLU D 303 -31.25 -9.17 7.94
N GLU D 304 -30.14 -9.81 8.29
CA GLU D 304 -28.96 -9.92 7.43
C GLU D 304 -28.65 -11.37 7.03
N LEU D 305 -29.68 -12.25 6.96
CA LEU D 305 -29.48 -13.67 6.60
C LEU D 305 -29.39 -13.92 5.09
N ASP D 306 -29.86 -12.98 4.26
CA ASP D 306 -29.87 -13.18 2.81
C ASP D 306 -28.57 -12.71 2.12
N ILE D 307 -27.48 -12.74 2.85
CA ILE D 307 -26.19 -12.33 2.31
C ILE D 307 -25.40 -13.54 1.81
N PRO D 308 -24.58 -13.37 0.75
CA PRO D 308 -23.76 -14.51 0.30
C PRO D 308 -22.61 -14.78 1.25
N MET D 309 -22.17 -16.04 1.30
CA MET D 309 -21.07 -16.49 2.17
C MET D 309 -19.72 -16.31 1.45
N ASP D 310 -19.51 -15.15 0.79
CA ASP D 310 -18.30 -14.89 0.02
C ASP D 310 -17.44 -13.74 0.57
N TYR D 311 -16.35 -13.37 -0.14
CA TYR D 311 -15.44 -12.29 0.24
C TYR D 311 -15.77 -10.94 -0.46
N SER D 312 -17.02 -10.77 -0.93
CA SER D 312 -17.49 -9.53 -1.54
C SER D 312 -17.72 -8.47 -0.43
N PRO D 313 -17.73 -7.13 -0.71
CA PRO D 313 -17.93 -6.14 0.37
C PRO D 313 -19.16 -6.35 1.25
N LEU D 314 -20.25 -6.92 0.70
CA LEU D 314 -21.48 -7.19 1.47
C LEU D 314 -21.67 -8.68 1.84
N GLY D 315 -20.66 -9.50 1.54
CA GLY D 315 -20.68 -10.93 1.88
C GLY D 315 -20.34 -11.18 3.34
N PHE D 316 -20.55 -12.42 3.80
CA PHE D 316 -20.27 -12.82 5.19
C PHE D 316 -18.76 -12.74 5.50
N GLY D 317 -17.94 -13.20 4.56
CA GLY D 317 -16.49 -13.19 4.71
C GLY D 317 -15.96 -13.94 5.92
N GLY D 318 -14.85 -13.45 6.47
CA GLY D 318 -14.19 -14.06 7.61
C GLY D 318 -13.79 -15.49 7.35
N THR D 319 -13.87 -16.32 8.38
CA THR D 319 -13.51 -17.76 8.31
C THR D 319 -14.70 -18.64 7.86
N GLY D 320 -15.88 -18.04 7.69
CA GLY D 320 -17.10 -18.77 7.37
C GLY D 320 -17.74 -19.37 8.61
N THR D 321 -17.27 -18.95 9.82
CA THR D 321 -17.76 -19.44 11.12
C THR D 321 -19.18 -18.95 11.39
N VAL D 322 -20.11 -19.88 11.63
CA VAL D 322 -21.52 -19.56 11.88
C VAL D 322 -21.94 -20.06 13.28
N ILE D 323 -22.02 -19.15 14.27
CA ILE D 323 -22.51 -19.47 15.63
C ILE D 323 -23.93 -18.92 15.67
N VAL D 324 -24.92 -19.81 15.80
CA VAL D 324 -26.32 -19.40 15.79
C VAL D 324 -26.87 -19.18 17.20
N LEU D 325 -27.45 -18.00 17.43
CA LEU D 325 -28.16 -17.64 18.67
C LEU D 325 -29.63 -17.47 18.30
N THR D 326 -30.52 -18.00 19.14
CA THR D 326 -31.95 -17.88 18.92
C THR D 326 -32.57 -16.88 19.90
N GLU D 327 -33.89 -16.61 19.72
CA GLU D 327 -34.73 -15.65 20.45
C GLU D 327 -34.60 -15.70 21.99
N GLU D 328 -34.26 -16.88 22.56
CA GLU D 328 -34.12 -17.02 24.03
C GLU D 328 -32.71 -16.76 24.55
N ASP D 329 -31.75 -16.51 23.65
CA ASP D 329 -30.38 -16.20 24.05
C ASP D 329 -30.19 -14.71 24.33
N ASP D 330 -29.68 -14.40 25.53
CA ASP D 330 -29.43 -13.05 26.00
C ASP D 330 -28.20 -12.48 25.26
N ILE D 331 -28.39 -11.38 24.49
CA ILE D 331 -27.30 -10.79 23.69
C ILE D 331 -26.16 -10.19 24.56
N VAL D 332 -26.52 -9.61 25.74
CA VAL D 332 -25.56 -9.01 26.68
C VAL D 332 -24.65 -10.12 27.27
N GLU D 333 -25.27 -11.24 27.70
CA GLU D 333 -24.53 -12.39 28.23
C GLU D 333 -23.58 -12.95 27.16
N ALA D 334 -24.04 -12.99 25.88
CA ALA D 334 -23.21 -13.45 24.77
C ALA D 334 -22.07 -12.46 24.50
N ALA D 335 -22.36 -11.14 24.56
CA ALA D 335 -21.34 -10.09 24.40
C ALA D 335 -20.29 -10.19 25.52
N LEU D 336 -20.71 -10.54 26.76
CA LEU D 336 -19.79 -10.72 27.90
C LEU D 336 -18.79 -11.85 27.63
N LYS D 337 -19.26 -12.97 27.04
CA LYS D 337 -18.40 -14.09 26.67
C LYS D 337 -17.36 -13.67 25.65
N ILE D 338 -17.75 -12.81 24.67
CA ILE D 338 -16.81 -12.28 23.66
C ILE D 338 -15.80 -11.36 24.32
N ALA D 339 -16.26 -10.49 25.26
CA ALA D 339 -15.40 -9.57 26.01
C ALA D 339 -14.39 -10.35 26.84
N GLU D 340 -14.82 -11.45 27.50
CA GLU D 340 -13.95 -12.32 28.29
C GLU D 340 -12.90 -12.98 27.42
N PHE D 341 -13.26 -13.38 26.20
CA PHE D 341 -12.30 -13.96 25.25
C PHE D 341 -11.15 -12.98 24.94
N TYR D 342 -11.46 -11.72 24.54
CA TYR D 342 -10.40 -10.73 24.23
C TYR D 342 -9.55 -10.37 25.45
N GLU D 343 -10.18 -10.28 26.63
CA GLU D 343 -9.45 -10.02 27.89
C GLU D 343 -8.36 -11.10 28.13
N HIS D 344 -8.72 -12.37 27.91
CA HIS D 344 -7.82 -13.51 28.11
CA HIS D 344 -7.76 -13.43 28.17
C HIS D 344 -6.75 -13.65 27.02
N GLU D 345 -7.00 -13.09 25.82
CA GLU D 345 -6.07 -13.32 24.71
C GLU D 345 -5.17 -12.15 24.29
N THR D 346 -5.45 -10.91 24.68
CA THR D 346 -4.53 -9.78 24.35
C THR D 346 -3.09 -10.13 24.82
N CYS D 347 -2.08 -9.90 23.96
CA CYS D 347 -0.68 -10.17 24.35
C CYS D 347 -0.12 -9.09 25.28
N GLY D 348 -0.80 -7.94 25.35
CA GLY D 348 -0.42 -6.84 26.24
C GLY D 348 0.66 -5.89 25.78
N GLN D 349 1.19 -6.04 24.53
CA GLN D 349 2.24 -5.15 24.02
C GLN D 349 1.78 -3.68 23.86
N CYS D 350 0.53 -3.49 23.41
CA CYS D 350 -0.04 -2.18 23.10
C CYS D 350 -0.94 -1.76 24.29
N THR D 351 -0.77 -0.54 24.79
CA THR D 351 -1.48 -0.07 26.00
C THR D 351 -3.01 -0.03 25.82
N PRO D 352 -3.60 0.63 24.77
CA PRO D 352 -5.08 0.63 24.66
C PRO D 352 -5.68 -0.77 24.51
N CYS D 353 -4.97 -1.70 23.83
CA CYS D 353 -5.44 -3.10 23.71
C CYS D 353 -5.32 -3.80 25.09
N ARG D 354 -4.15 -3.71 25.74
CA ARG D 354 -3.91 -4.32 27.06
C ARG D 354 -4.97 -3.87 28.09
N VAL D 355 -5.13 -2.55 28.25
CA VAL D 355 -6.04 -2.01 29.27
C VAL D 355 -7.51 -2.08 28.78
N GLY D 356 -7.75 -1.81 27.50
CA GLY D 356 -9.09 -1.81 26.90
C GLY D 356 -9.77 -3.16 26.87
N CYS D 357 -9.03 -4.24 26.53
CA CYS D 357 -9.63 -5.59 26.54
C CYS D 357 -10.00 -5.98 27.97
N TYR D 358 -9.15 -5.64 28.93
CA TYR D 358 -9.42 -5.92 30.35
C TYR D 358 -10.65 -5.11 30.82
N GLU D 359 -10.65 -3.77 30.59
CA GLU D 359 -11.74 -2.90 31.04
C GLU D 359 -13.06 -3.20 30.39
N GLN D 360 -13.05 -3.55 29.11
CA GLN D 360 -14.29 -3.90 28.40
C GLN D 360 -14.97 -5.09 29.10
N ALA D 361 -14.20 -6.15 29.46
CA ALA D 361 -14.78 -7.32 30.13
C ALA D 361 -15.17 -7.02 31.58
N ASN D 362 -14.32 -6.28 32.31
CA ASN D 362 -14.55 -5.89 33.72
C ASN D 362 -15.86 -5.09 33.85
N LEU D 363 -16.03 -4.05 33.01
CA LEU D 363 -17.21 -3.20 33.04
C LEU D 363 -18.47 -3.92 32.53
N LEU D 364 -18.34 -4.71 31.44
CA LEU D 364 -19.46 -5.50 30.89
C LEU D 364 -19.98 -6.51 31.94
N GLU D 365 -19.07 -7.09 32.75
CA GLU D 365 -19.48 -8.00 33.84
C GLU D 365 -20.29 -7.22 34.91
N LYS D 366 -19.89 -5.98 35.26
CA LYS D 366 -20.62 -5.10 36.23
C LYS D 366 -22.01 -4.82 35.67
N ILE D 367 -22.10 -4.53 34.34
CA ILE D 367 -23.36 -4.24 33.64
C ILE D 367 -24.30 -5.46 33.71
N TYR D 368 -23.77 -6.64 33.33
CA TYR D 368 -24.50 -7.90 33.31
C TYR D 368 -25.07 -8.27 34.68
N LYS D 369 -24.32 -8.02 35.76
CA LYS D 369 -24.74 -8.30 37.14
C LYS D 369 -25.61 -7.18 37.76
N GLY D 370 -25.88 -6.11 37.02
CA GLY D 370 -26.69 -4.99 37.49
C GLY D 370 -26.01 -4.15 38.57
N GLU D 371 -24.66 -4.13 38.58
CA GLU D 371 -23.83 -3.41 39.56
C GLU D 371 -23.11 -2.18 38.96
N ALA D 372 -23.36 -1.86 37.69
CA ALA D 372 -22.69 -0.76 37.00
C ALA D 372 -23.26 0.61 37.39
N THR D 373 -22.38 1.59 37.64
CA THR D 373 -22.79 2.98 37.92
C THR D 373 -23.00 3.67 36.57
N GLU D 374 -23.47 4.92 36.56
CA GLU D 374 -23.60 5.70 35.32
C GLU D 374 -22.22 5.88 34.67
N GLN D 375 -21.17 6.08 35.51
CA GLN D 375 -19.78 6.24 35.06
C GLN D 375 -19.25 5.00 34.41
N ASP D 376 -19.65 3.80 34.95
CA ASP D 376 -19.23 2.51 34.39
C ASP D 376 -19.83 2.32 33.00
N TRP D 377 -21.09 2.80 32.78
CA TRP D 377 -21.79 2.71 31.48
C TRP D 377 -21.11 3.59 30.45
N GLU D 378 -20.78 4.83 30.83
CA GLU D 378 -20.05 5.79 29.98
C GLU D 378 -18.63 5.29 29.71
N GLY D 379 -17.99 4.74 30.74
CA GLY D 379 -16.64 4.17 30.65
C GLY D 379 -16.60 2.97 29.72
N PHE D 380 -17.63 2.10 29.79
CA PHE D 380 -17.72 0.91 28.92
C PHE D 380 -17.84 1.35 27.45
N ASP D 381 -18.70 2.34 27.17
CA ASP D 381 -18.90 2.88 25.82
C ASP D 381 -17.57 3.46 25.29
N PHE D 382 -16.89 4.27 26.11
CA PHE D 382 -15.60 4.86 25.74
C PHE D 382 -14.53 3.80 25.46
N VAL D 383 -14.35 2.84 26.38
CA VAL D 383 -13.35 1.77 26.26
C VAL D 383 -13.58 0.96 24.97
N ASN D 384 -14.83 0.54 24.73
CA ASN D 384 -15.19 -0.21 23.54
C ASN D 384 -14.73 0.49 22.24
N ARG D 385 -14.86 1.81 22.17
CA ARG D 385 -14.46 2.60 21.01
C ARG D 385 -12.96 2.89 20.99
N ASN D 386 -12.23 2.56 22.08
CA ASN D 386 -10.82 2.94 22.17
C ASN D 386 -9.83 1.82 22.53
N ILE D 387 -10.05 0.61 22.01
CA ILE D 387 -9.12 -0.51 22.18
C ILE D 387 -8.07 -0.47 21.04
N GLN D 388 -8.53 -0.14 19.83
CA GLN D 388 -7.74 -0.10 18.59
C GLN D 388 -6.59 0.93 18.57
N PRO D 389 -6.68 2.18 19.09
CA PRO D 389 -5.55 3.11 18.89
C PRO D 389 -4.17 2.56 19.24
N THR D 390 -3.20 2.78 18.33
CA THR D 390 -1.78 2.35 18.43
C THR D 390 -1.59 0.82 18.26
N SER D 391 -2.70 0.03 18.15
CA SER D 391 -2.62 -1.43 18.00
C SER D 391 -1.76 -1.84 16.80
N ILE D 392 -0.94 -2.87 16.97
CA ILE D 392 -0.09 -3.29 15.87
C ILE D 392 -0.56 -4.62 15.27
N CYS D 393 -1.70 -5.15 15.72
CA CYS D 393 -2.25 -6.36 15.12
C CYS D 393 -3.78 -6.32 15.09
N GLY D 394 -4.37 -7.27 14.37
CA GLY D 394 -5.81 -7.38 14.17
C GLY D 394 -6.63 -7.60 15.43
N LEU D 395 -6.04 -8.16 16.49
CA LEU D 395 -6.80 -8.38 17.75
C LEU D 395 -7.30 -7.04 18.35
N GLY D 396 -6.39 -6.08 18.53
CA GLY D 396 -6.73 -4.76 19.07
C GLY D 396 -7.70 -4.01 18.18
N ALA D 397 -7.57 -4.21 16.86
CA ALA D 397 -8.46 -3.60 15.86
C ALA D 397 -9.89 -4.11 15.92
N VAL D 398 -10.11 -5.37 16.37
CA VAL D 398 -11.47 -5.93 16.35
C VAL D 398 -12.01 -6.29 17.73
N ALA D 399 -11.23 -6.14 18.81
CA ALA D 399 -11.70 -6.53 20.15
C ALA D 399 -13.04 -5.89 20.57
N GLY D 400 -13.34 -4.71 20.04
CA GLY D 400 -14.59 -4.03 20.33
C GLY D 400 -15.64 -4.12 19.23
N ARG D 401 -15.31 -4.71 18.07
CA ARG D 401 -16.15 -4.77 16.86
C ARG D 401 -17.50 -5.49 17.03
N LEU D 402 -17.50 -6.77 17.42
CA LEU D 402 -18.71 -7.55 17.61
C LEU D 402 -19.62 -6.89 18.65
N ILE D 403 -19.04 -6.51 19.81
CA ILE D 403 -19.78 -5.90 20.93
C ILE D 403 -20.48 -4.61 20.49
N ARG D 404 -19.76 -3.74 19.74
CA ARG D 404 -20.32 -2.49 19.21
C ARG D 404 -21.50 -2.81 18.28
N GLN D 405 -21.35 -3.86 17.46
CA GLN D 405 -22.43 -4.29 16.55
C GLN D 405 -23.67 -4.76 17.33
N THR D 406 -23.50 -5.41 18.50
CA THR D 406 -24.67 -5.80 19.32
C THR D 406 -25.34 -4.54 19.92
N LEU D 407 -24.54 -3.50 20.24
CA LEU D 407 -25.06 -2.24 20.81
C LEU D 407 -25.91 -1.50 19.77
N GLU D 408 -25.48 -1.56 18.49
CA GLU D 408 -26.17 -0.92 17.39
C GLU D 408 -27.38 -1.73 16.91
N LYS D 409 -27.27 -3.08 16.89
CA LYS D 409 -28.33 -3.95 16.37
C LYS D 409 -29.35 -4.40 17.41
N PHE D 410 -29.00 -4.38 18.71
CA PHE D 410 -29.96 -4.76 19.76
C PHE D 410 -30.08 -3.66 20.83
N PRO D 411 -30.42 -2.41 20.47
CA PRO D 411 -30.50 -1.34 21.48
C PRO D 411 -31.48 -1.59 22.63
N GLU D 412 -32.67 -2.18 22.32
CA GLU D 412 -33.72 -2.51 23.29
C GLU D 412 -33.23 -3.45 24.40
N GLU D 413 -32.49 -4.52 24.03
CA GLU D 413 -31.92 -5.46 24.99
C GLU D 413 -30.89 -4.82 25.90
N TRP D 414 -29.99 -4.01 25.33
CA TRP D 414 -28.97 -3.27 26.08
C TRP D 414 -29.63 -2.25 27.02
N GLU D 415 -30.68 -1.55 26.54
CA GLU D 415 -31.44 -0.56 27.31
C GLU D 415 -32.07 -1.16 28.58
N LYS D 416 -32.47 -2.42 28.51
CA LYS D 416 -33.06 -3.16 29.63
C LYS D 416 -32.05 -3.30 30.76
N TYR D 417 -30.78 -3.58 30.42
CA TYR D 417 -29.66 -3.71 31.36
C TYR D 417 -29.28 -2.41 32.06
N ARG D 418 -29.59 -1.26 31.42
CA ARG D 418 -29.36 0.09 31.93
C ARG D 418 -30.28 0.36 33.11
N LYS D 419 -31.55 0.09 32.91
CA LYS D 419 -32.62 0.27 33.90
C LYS D 419 -32.53 -0.74 35.03
#